data_6V3F
#
_entry.id   6V3F
#
_cell.length_a   1.00
_cell.length_b   1.00
_cell.length_c   1.00
_cell.angle_alpha   90.00
_cell.angle_beta   90.00
_cell.angle_gamma   90.00
#
_symmetry.space_group_name_H-M   'P 1'
#
loop_
_entity.id
_entity.type
_entity.pdbx_description
1 polymer 'NPC1-like intracellular cholesterol transporter 1'
2 branched 2-acetamido-2-deoxy-beta-D-glucopyranose-(1-4)-2-acetamido-2-deoxy-beta-D-glucopyranose
3 non-polymer 2-acetamido-2-deoxy-beta-D-glucopyranose
4 non-polymer CHOLESTEROL
#
_entity_poly.entity_id   1
_entity_poly.type   'polypeptide(L)'
_entity_poly.pdbx_seq_one_letter_code
;ELYTPKHEAGVCTFYEECGKNPELSGGLTSLSNVSCLSNTPARHVTGEHLALLQRICPRLYNGPNTTFACCSTKQLLSLE
SSMSITKALLTRCPACSDNFVSLHCHNTCSPDQSLFINVTRVVERGAGEPPAVVAYEAFYQRSFAEKAYESCSQVRIPAA
ASLAVGSMCGVYGSALCNAQRWLNFQGDTGNGLAPLDITFHLLEPGQALPDGIQPLNGKIAPCNESQGDDSAVCSCQDCA
ASCPVIPPPEALRPSFYMGRMPGWLALIIIFTAVFVLLSAVLVRLRVVSNRNKNKAEGPQEAPKLPHKHKLSPHTILGRF
FQNWGTRVASWPLTVLALSFIVVIALAAGLTFIELTTDPVELWSAPKSQARKEKSFHDEHFGPFFRTNQIFVTARNRSSY
KYDSLLLGSKNFSGILSLDFLLELLELQERLRHLQVWSPEAERNISLQDICYAPLNPYNTSLSDCCVNSLLQYFQNNRTL
LMLTANQTLNGQTSLVDWKDHFLYCANAPLTFKDGTSLALSCMADYGAPVFPFLAVGGYQGTDYSEAEALIITFSLNNYP
ADDPRMAQAKLWEEAFLKEMESFQRNTSDKFQVAFSAERSLEDEINRTTIQDLPVFAVSYIIVFLYISLALGSYSRCSRV
AVESKATLGLGGVIVVLGAVLAAMGFYSYLGVPSSLVIIQVVPFLVLAVGADNIFIFVLEYQRLPRMPGEQREAHIGRTL
GSVAPSMLLCSLSEAICFFLGALTPMPAVRTFALTSGLAIILDFLLQMTAFVALLSLDSKRQEASRPDVLCCFSTRKLPP
PKEKEGLLLRFFRKIYAPFLLHRFIRPVVMLLFLTLFGANLYLMCNINVGLDQELALPKDSYLIDYFLFLNRYLEVGPPV
YFVTTSGFNFSSEAGMNATCSSAGCKSFSLTQKIQYASEFPDQSYVAIAASSWVDDFIDWLTPSSSCCRLYIRGPHKDEF
CPSTDTSFNCLKNCMNRTLGPVRPTAEQFHKYLPWFLNDPPNIRCPKGGLAAYRTSVNLSSDGQVIASQFMAYHKPLRNS
QDFTEALRASRLLAANITADLRKVPGTDPNFEVFPYTISNVFYQQYLTVLPEGIFTLALCFVPTFVVCYLLLGLDMCSGI
LNLLSIIMILVDTIGLMAVWGISYNAVSLINLVTAVGMSVEFVSHITRSFAVSTKPTRLERAKDATVFMGSAVFAGVAMT
NFPGILILGFAQAQLIQIFFFRLNLLITLLGLLHGLVFLPVVLSYLGPDVNQALVQEEKLASEAAVAPEPSCPQYPSPAD
ADANVNYGFAPELAHGANAARSSLPKSDQKFENLYFQGDYKDDDDKHHHHHHHHHH
;
_entity_poly.pdbx_strand_id   A
#
# COMPACT_ATOMS: atom_id res chain seq x y z
N LEU A 2 39.68 41.82 42.95
CA LEU A 2 39.85 41.60 41.51
C LEU A 2 38.57 40.98 40.95
N TYR A 3 37.46 41.30 41.60
CA TYR A 3 36.12 40.87 41.24
C TYR A 3 35.15 41.85 41.85
N THR A 4 33.85 41.57 41.72
CA THR A 4 32.83 42.43 42.29
C THR A 4 32.29 41.78 43.56
N PRO A 5 32.67 42.26 44.76
CA PRO A 5 32.17 41.66 46.01
C PRO A 5 30.65 41.69 46.18
N LYS A 6 29.96 42.69 45.63
CA LYS A 6 28.53 42.82 45.84
C LYS A 6 27.80 42.71 44.51
N HIS A 7 26.66 42.03 44.53
CA HIS A 7 25.86 41.83 43.33
C HIS A 7 24.37 41.87 43.66
N GLU A 8 23.94 42.78 44.53
CA GLU A 8 22.55 42.74 45.01
C GLU A 8 21.58 43.61 44.22
N ALA A 9 21.72 44.93 44.30
CA ALA A 9 20.83 45.88 43.62
C ALA A 9 21.37 47.29 43.73
N GLY A 10 21.08 48.10 42.71
CA GLY A 10 21.37 49.53 42.72
C GLY A 10 22.81 49.89 42.49
N VAL A 11 23.69 48.90 42.32
CA VAL A 11 25.12 49.09 42.18
C VAL A 11 25.52 48.46 40.85
N CYS A 12 26.46 49.09 40.16
CA CYS A 12 26.93 48.56 38.89
C CYS A 12 28.39 48.15 39.00
N THR A 13 28.92 47.58 37.91
CA THR A 13 30.27 47.07 37.90
C THR A 13 31.26 47.87 37.06
N PHE A 14 30.79 48.64 36.09
CA PHE A 14 31.67 49.50 35.30
C PHE A 14 30.89 50.67 34.72
N TYR A 15 31.57 51.79 34.53
CA TYR A 15 30.89 52.97 34.02
C TYR A 15 31.58 53.57 32.79
N GLU A 16 32.76 54.16 32.96
CA GLU A 16 33.39 54.92 31.89
C GLU A 16 34.27 54.07 30.98
N GLU A 17 34.22 54.39 29.69
CA GLU A 17 35.16 53.83 28.72
C GLU A 17 36.58 54.30 29.03
N CYS A 18 37.51 53.37 29.09
CA CYS A 18 38.89 53.75 29.40
C CYS A 18 39.91 53.24 28.39
N GLY A 19 39.54 53.15 27.11
CA GLY A 19 40.49 52.81 26.07
C GLY A 19 40.16 51.52 25.34
N LYS A 20 41.02 51.23 24.36
CA LYS A 20 40.93 50.07 23.49
C LYS A 20 41.28 48.79 24.27
N ASN A 21 40.78 47.64 23.78
CA ASN A 21 40.98 46.33 24.36
C ASN A 21 42.36 45.86 23.93
N PRO A 22 43.29 45.70 24.89
CA PRO A 22 44.65 45.26 24.51
C PRO A 22 44.73 43.82 24.03
N GLU A 23 43.95 42.92 24.63
CA GLU A 23 44.04 41.49 24.33
C GLU A 23 43.73 41.17 22.88
N LEU A 24 42.73 41.81 22.30
CA LEU A 24 42.35 41.56 20.92
C LEU A 24 43.22 42.43 20.01
N SER A 25 43.91 41.79 19.07
CA SER A 25 44.75 42.47 18.10
C SER A 25 44.57 41.80 16.75
N GLY A 26 44.74 42.57 15.69
CA GLY A 26 44.57 42.04 14.35
C GLY A 26 43.16 42.04 13.83
N GLY A 27 42.20 42.59 14.57
CA GLY A 27 40.84 42.66 14.08
C GLY A 27 40.65 43.56 12.87
N LEU A 28 41.32 44.73 12.88
CA LEU A 28 41.30 45.76 11.83
C LEU A 28 39.88 46.21 11.51
N THR A 29 39.07 46.38 12.55
CA THR A 29 37.69 46.80 12.39
C THR A 29 37.28 47.64 13.58
N SER A 30 36.28 48.50 13.36
CA SER A 30 35.77 49.35 14.42
C SER A 30 35.15 48.50 15.53
N LEU A 31 35.53 48.80 16.76
CA LEU A 31 35.01 48.09 17.92
C LEU A 31 34.83 49.07 19.07
N SER A 32 33.83 48.78 19.90
CA SER A 32 33.55 49.61 21.06
C SER A 32 34.69 49.56 22.06
N ASN A 33 35.00 50.71 22.66
CA ASN A 33 36.05 50.77 23.65
C ASN A 33 35.59 50.10 24.93
N VAL A 34 36.41 49.17 25.43
CA VAL A 34 36.03 48.42 26.62
C VAL A 34 36.13 49.33 27.84
N SER A 35 35.21 49.15 28.79
CA SER A 35 35.26 49.86 30.05
C SER A 35 35.99 49.03 31.11
N CYS A 36 36.59 49.74 32.06
CA CYS A 36 37.24 49.14 33.22
C CYS A 36 36.33 49.09 34.43
N LEU A 37 36.61 48.12 35.31
CA LEU A 37 35.82 47.81 36.50
C LEU A 37 35.70 49.00 37.45
N SER A 38 34.48 49.25 37.91
CA SER A 38 34.21 50.32 38.88
C SER A 38 32.91 49.95 39.60
N ASN A 39 33.05 49.37 40.80
CA ASN A 39 31.91 48.85 41.57
C ASN A 39 31.31 49.95 42.44
N THR A 40 30.61 50.87 41.78
CA THR A 40 30.10 52.07 42.41
C THR A 40 28.58 52.15 42.26
N PRO A 41 27.91 52.99 43.07
CA PRO A 41 26.47 53.24 42.84
C PRO A 41 26.19 53.88 41.49
N ALA A 42 24.96 53.65 41.00
CA ALA A 42 24.52 54.16 39.71
C ALA A 42 24.52 55.69 39.67
N ARG A 43 24.69 56.22 38.46
CA ARG A 43 24.76 57.65 38.24
C ARG A 43 23.38 58.19 37.88
N HIS A 44 23.10 59.41 38.33
CA HIS A 44 21.88 60.08 37.90
C HIS A 44 22.05 60.58 36.48
N VAL A 45 21.03 60.36 35.66
CA VAL A 45 21.05 60.74 34.25
C VAL A 45 19.92 61.73 33.98
N THR A 46 20.27 62.90 33.45
CA THR A 46 19.29 63.92 33.13
C THR A 46 19.73 64.67 31.87
N GLY A 47 18.99 65.73 31.55
CA GLY A 47 19.23 66.57 30.39
C GLY A 47 19.23 65.84 29.07
N GLU A 48 20.19 66.19 28.22
CA GLU A 48 20.30 65.58 26.90
C GLU A 48 20.73 64.12 26.98
N HIS A 49 21.38 63.72 28.08
CA HIS A 49 21.74 62.32 28.25
C HIS A 49 20.48 61.49 28.47
N LEU A 50 19.56 62.01 29.27
CA LEU A 50 18.26 61.36 29.46
C LEU A 50 17.48 61.36 28.15
N ALA A 51 17.59 62.45 27.38
CA ALA A 51 16.93 62.51 26.07
C ALA A 51 17.42 61.41 25.14
N LEU A 52 18.74 61.16 25.09
CA LEU A 52 19.25 60.05 24.28
C LEU A 52 18.83 58.70 24.82
N LEU A 53 18.92 58.51 26.15
CA LEU A 53 18.56 57.25 26.78
C LEU A 53 17.10 56.89 26.51
N GLN A 54 16.20 57.85 26.71
CA GLN A 54 14.78 57.63 26.42
C GLN A 54 14.56 57.40 24.94
N ARG A 55 15.26 58.13 24.07
CA ARG A 55 15.12 58.00 22.63
C ARG A 55 15.47 56.60 22.13
N ILE A 56 16.62 56.05 22.55
CA ILE A 56 17.07 54.78 22.00
C ILE A 56 16.21 53.60 22.47
N CYS A 57 15.98 53.46 23.77
CA CYS A 57 15.21 52.33 24.31
C CYS A 57 14.39 52.77 25.50
N PRO A 58 13.13 53.22 25.26
CA PRO A 58 12.24 53.72 26.32
C PRO A 58 12.00 52.85 27.54
N ARG A 59 12.29 51.54 27.45
CA ARG A 59 12.04 50.61 28.56
C ARG A 59 12.83 50.93 29.83
N LEU A 60 13.90 51.72 29.74
CA LEU A 60 14.63 52.12 30.94
C LEU A 60 14.18 53.47 31.49
N TYR A 61 13.20 54.11 30.87
CA TYR A 61 12.71 55.42 31.34
C TYR A 61 11.78 55.24 32.53
N ASN A 62 12.08 55.95 33.62
CA ASN A 62 11.33 55.87 34.87
C ASN A 62 11.04 57.26 35.43
N GLY A 63 10.68 58.21 34.56
CA GLY A 63 10.36 59.53 35.04
C GLY A 63 11.41 60.59 34.77
N PRO A 64 10.96 61.84 34.60
CA PRO A 64 11.87 62.93 34.19
C PRO A 64 13.01 63.23 35.15
N ASN A 65 12.93 62.86 36.43
CA ASN A 65 14.00 63.17 37.38
C ASN A 65 14.17 62.02 38.35
N THR A 66 14.00 60.79 37.88
CA THR A 66 14.17 59.60 38.69
C THR A 66 15.02 58.54 38.00
N THR A 67 15.32 58.70 36.71
CA THR A 67 16.15 57.74 35.98
C THR A 67 17.59 57.72 36.47
N PHE A 68 18.11 56.50 36.66
CA PHE A 68 19.50 56.24 36.91
C PHE A 68 20.01 55.25 35.86
N ALA A 69 21.29 55.33 35.54
CA ALA A 69 21.91 54.41 34.60
C ALA A 69 23.41 54.36 34.86
N CYS A 70 24.06 53.35 34.30
CA CYS A 70 25.48 53.12 34.46
C CYS A 70 26.22 53.12 33.13
N CYS A 71 25.90 54.08 32.27
CA CYS A 71 26.60 54.21 31.00
C CYS A 71 26.71 55.68 30.61
N SER A 72 27.67 55.95 29.71
CA SER A 72 27.98 57.31 29.24
C SER A 72 27.46 57.54 27.82
N THR A 73 27.47 58.83 27.43
CA THR A 73 27.00 59.24 26.10
C THR A 73 27.92 58.75 24.98
N LYS A 74 29.23 58.75 25.21
CA LYS A 74 30.17 58.27 24.21
C LYS A 74 29.95 56.78 23.93
N GLN A 75 29.74 56.02 25.01
CA GLN A 75 29.41 54.61 24.91
C GLN A 75 28.13 54.41 24.12
N LEU A 76 27.15 55.30 24.33
CA LEU A 76 25.90 55.25 23.59
C LEU A 76 26.11 55.51 22.10
N LEU A 77 26.97 56.46 21.75
CA LEU A 77 27.22 56.74 20.34
C LEU A 77 27.93 55.57 19.66
N SER A 78 28.91 54.96 20.35
CA SER A 78 29.57 53.77 19.85
C SER A 78 28.58 52.61 19.72
N LEU A 79 27.68 52.49 20.68
CA LEU A 79 26.64 51.47 20.66
C LEU A 79 25.72 51.62 19.46
N GLU A 80 25.25 52.86 19.20
CA GLU A 80 24.38 53.13 18.05
C GLU A 80 25.07 52.81 16.74
N SER A 81 26.36 53.18 16.63
CA SER A 81 27.14 52.90 15.43
C SER A 81 27.29 51.40 15.20
N SER A 82 27.64 50.65 16.25
CA SER A 82 27.77 49.20 16.13
C SER A 82 26.44 48.52 15.79
N MET A 83 25.36 48.93 16.47
CA MET A 83 24.05 48.28 16.28
C MET A 83 23.39 48.60 14.94
N SER A 84 23.79 49.69 14.28
CA SER A 84 23.10 50.13 13.05
C SER A 84 23.08 49.08 11.94
N ILE A 85 24.08 48.18 11.89
CA ILE A 85 24.12 47.17 10.83
C ILE A 85 23.02 46.13 11.03
N THR A 86 22.91 45.59 12.24
CA THR A 86 21.86 44.64 12.56
C THR A 86 20.49 45.30 12.47
N LYS A 87 20.38 46.56 12.91
CA LYS A 87 19.14 47.31 12.78
C LYS A 87 18.71 47.43 11.32
N ALA A 88 19.67 47.67 10.42
CA ALA A 88 19.39 47.70 9.00
C ALA A 88 18.93 46.35 8.47
N LEU A 89 19.57 45.27 8.93
CA LEU A 89 19.22 43.92 8.47
C LEU A 89 17.77 43.53 8.79
N LEU A 90 17.24 43.97 9.93
CA LEU A 90 15.94 43.53 10.44
C LEU A 90 14.78 44.46 10.04
N THR A 91 14.96 45.28 8.99
CA THR A 91 14.00 46.28 8.53
C THR A 91 12.57 45.76 8.28
N ARG A 92 12.41 44.47 7.97
CA ARG A 92 11.10 43.91 7.58
C ARG A 92 10.02 44.06 8.65
N CYS A 93 10.36 43.90 9.93
CA CYS A 93 9.35 44.07 10.98
C CYS A 93 10.07 44.67 12.20
N PRO A 94 10.13 46.02 12.24
CA PRO A 94 10.83 46.72 13.34
C PRO A 94 10.45 46.31 14.76
N ALA A 95 9.19 45.90 14.98
CA ALA A 95 8.64 45.57 16.31
C ALA A 95 9.51 44.61 17.10
N CYS A 96 10.06 43.58 16.47
CA CYS A 96 10.88 42.64 17.23
C CYS A 96 12.33 43.11 17.26
N SER A 97 12.73 43.88 16.24
CA SER A 97 14.12 44.35 16.11
C SER A 97 14.55 45.19 17.29
N ASP A 98 13.66 46.10 17.73
CA ASP A 98 13.95 46.93 18.91
C ASP A 98 14.14 46.06 20.14
N ASN A 99 13.41 44.93 20.21
CA ASN A 99 13.57 43.97 21.30
C ASN A 99 14.99 43.47 21.36
N PHE A 100 15.54 43.14 20.18
CA PHE A 100 16.95 42.76 20.06
C PHE A 100 17.83 43.89 20.55
N VAL A 101 17.54 45.12 20.10
CA VAL A 101 18.29 46.31 20.49
C VAL A 101 18.19 46.50 21.99
N SER A 102 17.00 46.24 22.54
CA SER A 102 16.76 46.34 23.99
C SER A 102 17.74 45.48 24.75
N LEU A 103 17.93 44.23 24.27
CA LEU A 103 18.85 43.27 24.86
C LEU A 103 20.25 43.85 25.01
N HIS A 104 20.71 44.59 23.99
CA HIS A 104 22.03 45.16 24.10
C HIS A 104 22.05 46.37 25.04
N CYS A 105 21.05 47.27 24.94
CA CYS A 105 21.17 48.54 25.69
C CYS A 105 20.99 48.32 27.17
N HIS A 106 20.19 47.31 27.53
CA HIS A 106 20.02 46.91 28.91
C HIS A 106 21.35 46.47 29.48
N ASN A 107 22.01 45.56 28.73
CA ASN A 107 23.32 45.03 29.10
C ASN A 107 24.32 46.17 29.22
N THR A 108 24.17 47.20 28.39
CA THR A 108 25.09 48.32 28.49
C THR A 108 24.76 49.22 29.68
N CYS A 109 23.49 49.64 29.82
CA CYS A 109 23.24 50.80 30.67
C CYS A 109 22.42 50.57 31.93
N SER A 110 21.85 49.37 32.14
CA SER A 110 20.88 49.13 33.22
C SER A 110 21.42 49.52 34.60
N PRO A 111 20.63 50.25 35.41
CA PRO A 111 21.07 50.63 36.76
C PRO A 111 21.18 49.47 37.74
N ASP A 112 20.70 48.29 37.39
CA ASP A 112 20.77 47.12 38.26
C ASP A 112 21.63 46.06 37.57
N GLN A 113 22.76 46.55 37.04
CA GLN A 113 23.74 45.73 36.33
C GLN A 113 24.28 44.57 37.17
N SER A 114 24.52 44.80 38.46
CA SER A 114 25.14 43.75 39.28
C SER A 114 24.24 42.58 39.61
N LEU A 115 22.93 42.67 39.42
CA LEU A 115 22.07 41.56 39.80
C LEU A 115 22.09 40.42 38.78
N PHE A 116 22.57 40.69 37.57
CA PHE A 116 22.66 39.66 36.54
C PHE A 116 24.01 39.52 35.85
N ILE A 117 24.97 40.42 36.09
CA ILE A 117 26.30 40.35 35.49
C ILE A 117 27.34 40.08 36.57
N ASN A 118 28.12 39.00 36.39
CA ASN A 118 29.23 38.66 37.28
C ASN A 118 30.55 38.78 36.51
N VAL A 119 31.36 39.76 36.89
CA VAL A 119 32.64 39.98 36.23
C VAL A 119 33.62 38.89 36.65
N THR A 120 34.26 38.25 35.66
CA THR A 120 35.18 37.15 35.95
C THR A 120 36.60 37.37 35.46
N ARG A 121 36.90 38.44 34.72
CA ARG A 121 38.24 38.64 34.19
C ARG A 121 38.71 40.06 34.52
N VAL A 122 39.94 40.17 35.02
CA VAL A 122 40.54 41.45 35.39
C VAL A 122 41.90 41.59 34.71
N VAL A 123 42.12 42.73 34.06
CA VAL A 123 43.40 43.04 33.44
C VAL A 123 43.78 44.44 33.92
N GLU A 124 45.05 44.60 34.31
CA GLU A 124 45.52 45.86 34.90
C GLU A 124 46.07 46.76 33.79
N ARG A 125 45.26 47.72 33.37
CA ARG A 125 45.68 48.66 32.33
C ARG A 125 46.75 49.62 32.83
N GLY A 126 46.57 50.19 34.02
CA GLY A 126 47.55 51.12 34.53
C GLY A 126 47.52 51.25 36.03
N ALA A 127 48.64 51.74 36.58
CA ALA A 127 48.80 51.93 38.01
C ALA A 127 47.88 53.03 38.53
N GLY A 128 47.22 52.76 39.65
CA GLY A 128 46.27 53.68 40.26
C GLY A 128 45.12 54.07 39.37
N GLU A 129 44.68 53.15 38.52
CA GLU A 129 43.59 53.30 37.56
C GLU A 129 42.70 52.08 37.66
N PRO A 130 41.44 52.18 37.23
CA PRO A 130 40.55 50.99 37.26
C PRO A 130 41.04 49.91 36.33
N PRO A 131 41.10 48.67 36.80
CA PRO A 131 41.57 47.57 35.94
C PRO A 131 40.56 47.21 34.86
N ALA A 132 41.05 47.07 33.63
CA ALA A 132 40.21 46.69 32.49
C ALA A 132 39.66 45.28 32.66
N VAL A 133 38.45 45.08 32.14
CA VAL A 133 37.75 43.80 32.21
C VAL A 133 37.65 43.24 30.79
N VAL A 134 38.36 42.15 30.53
CA VAL A 134 38.28 41.52 29.22
C VAL A 134 36.97 40.75 29.05
N ALA A 135 36.52 40.04 30.10
CA ALA A 135 35.35 39.18 29.94
C ALA A 135 34.56 39.07 31.23
N TYR A 136 33.32 38.60 31.10
CA TYR A 136 32.38 38.46 32.21
C TYR A 136 31.33 37.43 31.83
N GLU A 137 30.47 37.10 32.79
CA GLU A 137 29.34 36.22 32.55
C GLU A 137 28.03 36.92 32.91
N ALA A 138 26.94 36.48 32.29
CA ALA A 138 25.62 37.07 32.49
C ALA A 138 24.57 35.99 32.67
N PHE A 139 23.55 36.30 33.46
CA PHE A 139 22.52 35.35 33.85
C PHE A 139 21.16 35.76 33.29
N TYR A 140 20.49 34.82 32.60
CA TYR A 140 19.15 35.03 32.04
C TYR A 140 18.23 33.85 32.36
N GLN A 141 16.93 34.12 32.32
CA GLN A 141 15.94 33.05 32.39
C GLN A 141 15.70 32.48 31.00
N ARG A 142 15.42 31.17 30.97
CA ARG A 142 15.20 30.45 29.72
C ARG A 142 14.01 30.97 28.93
N SER A 143 12.88 31.20 29.60
CA SER A 143 11.65 31.60 28.93
C SER A 143 11.79 32.98 28.28
N PHE A 144 12.51 33.89 28.94
CA PHE A 144 12.74 35.24 28.42
C PHE A 144 13.51 35.21 27.11
N ALA A 145 14.68 34.56 27.12
CA ALA A 145 15.53 34.47 25.94
C ALA A 145 14.85 33.69 24.82
N GLU A 146 14.13 32.62 25.16
CA GLU A 146 13.47 31.81 24.13
C GLU A 146 12.36 32.60 23.43
N LYS A 147 11.54 33.32 24.19
CA LYS A 147 10.49 34.14 23.58
C LYS A 147 11.10 35.29 22.76
N ALA A 148 12.17 35.90 23.29
CA ALA A 148 12.86 36.98 22.58
C ALA A 148 13.44 36.50 21.25
N TYR A 149 14.02 35.29 21.25
CA TYR A 149 14.48 34.66 20.02
C TYR A 149 13.33 34.44 19.05
N GLU A 150 12.23 33.87 19.55
CA GLU A 150 11.08 33.54 18.70
C GLU A 150 10.44 34.77 18.05
N SER A 151 10.56 35.94 18.68
CA SER A 151 9.90 37.15 18.15
C SER A 151 10.40 37.53 16.75
N CYS A 152 11.66 37.25 16.41
CA CYS A 152 12.16 37.39 15.04
C CYS A 152 12.73 36.12 14.41
N SER A 153 12.51 34.94 14.99
CA SER A 153 13.19 33.71 14.57
C SER A 153 12.91 33.33 13.12
N GLN A 154 11.81 33.79 12.52
CA GLN A 154 11.48 33.47 11.14
C GLN A 154 11.57 34.67 10.19
N VAL A 155 12.10 35.80 10.64
CA VAL A 155 12.04 37.03 9.84
C VAL A 155 13.05 36.98 8.70
N ARG A 156 12.57 37.28 7.50
CA ARG A 156 13.34 37.27 6.26
C ARG A 156 14.15 38.55 6.10
N ILE A 157 15.22 38.45 5.32
CA ILE A 157 16.06 39.58 4.92
C ILE A 157 15.27 40.43 3.92
N PRO A 158 15.66 41.71 3.66
CA PRO A 158 14.98 42.51 2.61
C PRO A 158 14.85 41.84 1.25
N ALA A 159 15.85 41.05 0.82
CA ALA A 159 15.75 40.29 -0.42
C ALA A 159 14.63 39.25 -0.40
N ALA A 160 14.13 38.88 0.78
CA ALA A 160 13.08 37.91 1.12
C ALA A 160 13.45 36.44 0.89
N ALA A 161 14.67 36.11 0.48
CA ALA A 161 14.95 34.71 0.26
C ALA A 161 15.32 33.99 1.56
N SER A 162 16.52 34.23 2.06
CA SER A 162 16.99 33.56 3.25
C SER A 162 16.42 34.22 4.51
N LEU A 163 16.59 33.55 5.64
CA LEU A 163 16.17 34.09 6.92
C LEU A 163 17.31 34.92 7.50
N ALA A 164 16.94 36.01 8.19
CA ALA A 164 17.95 36.86 8.84
C ALA A 164 18.71 36.11 9.90
N VAL A 165 18.01 35.22 10.64
CA VAL A 165 18.60 34.41 11.70
C VAL A 165 19.73 33.54 11.16
N GLY A 166 19.56 33.03 9.94
CA GLY A 166 20.57 32.24 9.28
C GLY A 166 21.88 32.97 9.03
N SER A 167 21.86 34.31 9.03
CA SER A 167 23.08 35.08 8.85
C SER A 167 23.70 35.46 10.19
N MET A 168 23.06 35.11 11.30
CA MET A 168 23.51 35.52 12.62
C MET A 168 23.83 34.32 13.51
N CYS A 169 23.88 33.11 12.95
CA CYS A 169 24.19 31.92 13.73
C CYS A 169 25.50 31.28 13.32
N GLY A 170 26.38 32.04 12.67
CA GLY A 170 27.73 31.63 12.31
C GLY A 170 27.95 30.53 11.29
N VAL A 171 28.52 29.42 11.78
CA VAL A 171 28.92 28.27 10.95
C VAL A 171 27.74 27.67 10.19
N TYR A 172 26.60 27.50 10.83
CA TYR A 172 25.43 26.90 10.23
C TYR A 172 24.35 27.95 9.99
N GLY A 173 23.48 27.65 9.05
CA GLY A 173 22.40 28.53 8.68
C GLY A 173 21.21 28.32 9.59
N SER A 174 20.04 28.74 9.08
CA SER A 174 18.80 28.72 9.85
C SER A 174 18.38 27.33 10.30
N ALA A 175 18.81 26.28 9.59
CA ALA A 175 18.43 24.91 9.88
C ALA A 175 18.82 24.41 11.28
N LEU A 176 19.92 24.88 11.86
CA LEU A 176 20.35 24.31 13.14
C LEU A 176 20.54 25.34 14.26
N CYS A 177 19.83 26.46 14.25
CA CYS A 177 20.10 27.48 15.24
C CYS A 177 18.99 27.55 16.29
N ASN A 178 19.34 28.08 17.46
CA ASN A 178 18.39 28.27 18.55
C ASN A 178 18.88 29.45 19.40
N ALA A 179 18.15 29.73 20.49
CA ALA A 179 18.44 30.89 21.33
C ALA A 179 19.82 30.86 21.97
N GLN A 180 20.23 29.70 22.49
CA GLN A 180 21.53 29.57 23.16
C GLN A 180 22.67 29.76 22.18
N ARG A 181 22.57 29.14 21.01
CA ARG A 181 23.61 29.20 20.00
C ARG A 181 23.76 30.61 19.43
N TRP A 182 22.64 31.29 19.21
CA TRP A 182 22.61 32.66 18.71
C TRP A 182 23.24 33.64 19.71
N LEU A 183 22.86 33.52 20.99
CA LEU A 183 23.46 34.37 22.02
C LEU A 183 24.95 34.08 22.18
N ASN A 184 25.35 32.81 22.09
CA ASN A 184 26.76 32.45 22.15
C ASN A 184 27.53 33.04 20.98
N PHE A 185 26.91 33.08 19.79
CA PHE A 185 27.54 33.70 18.62
C PHE A 185 27.83 35.16 18.88
N GLN A 186 26.84 35.92 19.39
CA GLN A 186 27.04 37.35 19.61
C GLN A 186 28.17 37.66 20.58
N GLY A 187 28.38 36.83 21.60
CA GLY A 187 29.45 37.09 22.54
C GLY A 187 30.79 36.45 22.30
N ASP A 188 30.98 35.72 21.20
CA ASP A 188 32.22 34.98 20.95
C ASP A 188 33.11 35.76 20.00
N THR A 189 34.26 36.22 20.50
CA THR A 189 35.22 37.04 19.74
C THR A 189 35.91 36.29 18.60
N GLY A 190 35.76 34.97 18.50
CA GLY A 190 36.38 34.21 17.43
C GLY A 190 35.90 34.54 16.03
N ASN A 191 34.73 35.18 15.92
CA ASN A 191 34.18 35.55 14.62
C ASN A 191 34.73 36.88 14.10
N GLY A 192 35.58 37.55 14.86
CA GLY A 192 36.12 38.83 14.43
C GLY A 192 35.19 40.01 14.62
N LEU A 193 34.02 39.80 15.22
CA LEU A 193 33.01 40.85 15.37
C LEU A 193 32.75 41.24 16.82
N ALA A 194 32.67 40.26 17.73
CA ALA A 194 32.35 40.54 19.12
C ALA A 194 33.48 41.34 19.78
N PRO A 195 33.17 42.37 20.57
CA PRO A 195 34.23 43.11 21.26
C PRO A 195 34.75 42.42 22.52
N LEU A 196 33.96 41.57 23.17
CA LEU A 196 34.41 40.91 24.39
C LEU A 196 33.65 39.60 24.58
N ASP A 197 34.20 38.75 25.45
CA ASP A 197 33.65 37.43 25.72
C ASP A 197 32.59 37.49 26.82
N ILE A 198 31.37 37.13 26.47
CA ILE A 198 30.25 37.13 27.41
C ILE A 198 29.70 35.71 27.46
N THR A 199 29.60 35.15 28.66
CA THR A 199 29.03 33.82 28.84
C THR A 199 27.55 33.97 29.19
N PHE A 200 26.70 33.29 28.41
CA PHE A 200 25.25 33.38 28.53
C PHE A 200 24.69 32.11 29.17
N HIS A 201 24.20 32.23 30.40
CA HIS A 201 23.61 31.09 31.12
C HIS A 201 22.09 31.18 31.05
N LEU A 202 21.47 30.18 30.40
CA LEU A 202 20.01 30.07 30.32
C LEU A 202 19.49 29.26 31.51
N LEU A 203 19.54 29.89 32.68
CA LEU A 203 19.11 29.26 33.92
C LEU A 203 17.62 28.96 33.90
N GLU A 204 17.28 27.71 34.19
CA GLU A 204 15.87 27.31 34.23
C GLU A 204 15.14 28.05 35.34
N PRO A 205 13.91 28.50 35.10
CA PRO A 205 13.17 29.23 36.15
C PRO A 205 12.69 28.34 37.28
N GLY A 206 12.38 27.08 37.01
CA GLY A 206 11.88 26.19 38.05
C GLY A 206 12.87 25.88 39.14
N GLN A 207 14.14 25.64 38.78
CA GLN A 207 15.15 25.28 39.77
C GLN A 207 16.25 26.33 39.82
N ALA A 208 16.52 26.82 41.03
CA ALA A 208 17.21 28.09 41.28
C ALA A 208 18.69 27.95 41.59
N LEU A 209 19.28 26.73 41.43
CA LEU A 209 20.62 26.20 41.75
C LEU A 209 21.65 27.22 42.28
N PRO A 210 22.17 28.23 41.56
CA PRO A 210 23.14 29.08 42.25
C PRO A 210 22.48 30.17 43.09
N ASP A 211 22.77 30.15 44.38
CA ASP A 211 22.14 31.10 45.28
C ASP A 211 22.77 32.50 45.18
N GLY A 212 21.97 33.50 45.53
CA GLY A 212 22.38 34.88 45.53
C GLY A 212 22.26 35.60 44.20
N ILE A 213 21.88 34.92 43.12
CA ILE A 213 21.75 35.54 41.81
C ILE A 213 20.33 35.34 41.32
N GLN A 214 19.70 36.44 40.89
CA GLN A 214 18.36 36.43 40.34
C GLN A 214 18.44 36.58 38.83
N PRO A 215 18.10 35.57 38.03
CA PRO A 215 18.11 35.75 36.58
C PRO A 215 16.98 36.68 36.16
N LEU A 216 17.21 37.40 35.07
CA LEU A 216 16.26 38.42 34.66
C LEU A 216 15.22 37.92 33.67
N ASN A 217 14.21 38.77 33.45
CA ASN A 217 13.06 38.57 32.57
C ASN A 217 12.26 39.87 32.48
N GLY A 218 12.48 40.66 31.44
CA GLY A 218 11.83 41.96 31.33
C GLY A 218 10.69 41.95 30.34
N LYS A 219 10.38 43.13 29.79
CA LYS A 219 9.26 43.25 28.87
C LYS A 219 9.67 42.78 27.49
N ILE A 220 8.83 41.96 26.87
CA ILE A 220 9.02 41.49 25.50
C ILE A 220 7.73 41.69 24.72
N ALA A 221 7.84 42.26 23.53
CA ALA A 221 6.66 42.52 22.70
C ALA A 221 6.40 41.35 21.75
N PRO A 222 5.23 40.71 21.82
CA PRO A 222 4.84 39.73 20.80
C PRO A 222 4.62 40.36 19.43
N CYS A 223 4.70 39.49 18.41
CA CYS A 223 4.42 39.84 17.01
C CYS A 223 3.14 40.65 16.82
N ASN A 224 2.02 40.14 17.33
CA ASN A 224 0.73 40.72 17.02
C ASN A 224 0.29 41.80 18.01
N GLU A 225 1.12 42.13 18.98
CA GLU A 225 0.83 43.19 19.94
C GLU A 225 1.32 44.50 19.33
N SER A 226 0.39 45.41 19.02
CA SER A 226 0.76 46.66 18.39
C SER A 226 1.48 47.57 19.39
N GLN A 227 2.32 48.45 18.85
CA GLN A 227 3.06 49.43 19.66
C GLN A 227 2.29 50.73 19.69
N GLY A 228 1.27 50.77 20.55
CA GLY A 228 0.33 51.87 20.58
C GLY A 228 -0.52 52.00 19.34
N ASP A 229 -0.50 53.17 18.71
CA ASP A 229 -1.30 53.45 17.54
C ASP A 229 -0.56 53.30 16.22
N ASP A 230 0.65 52.72 16.22
CA ASP A 230 1.39 52.54 14.97
C ASP A 230 0.69 51.62 13.99
N SER A 231 0.00 50.59 14.50
CA SER A 231 -0.77 49.62 13.71
C SER A 231 0.09 48.95 12.63
N ALA A 232 1.32 48.59 13.02
CA ALA A 232 2.32 48.04 12.12
C ALA A 232 2.88 46.74 12.68
N VAL A 233 1.98 45.83 13.06
CA VAL A 233 2.37 44.51 13.53
C VAL A 233 3.04 43.73 12.41
N CYS A 234 3.92 42.80 12.79
CA CYS A 234 4.64 41.99 11.81
C CYS A 234 3.66 41.07 11.07
N SER A 235 3.71 41.12 9.74
CA SER A 235 2.93 40.23 8.90
C SER A 235 3.34 38.79 9.15
N CYS A 236 2.38 37.87 9.01
CA CYS A 236 2.67 36.48 9.39
C CYS A 236 3.60 35.80 8.41
N GLN A 237 3.80 36.36 7.22
CA GLN A 237 4.87 35.91 6.34
C GLN A 237 6.25 36.09 6.98
N ASP A 238 6.37 36.98 7.98
CA ASP A 238 7.63 37.24 8.65
C ASP A 238 7.79 36.51 9.99
N CYS A 239 6.75 36.35 10.83
CA CYS A 239 6.99 35.61 12.06
C CYS A 239 6.08 34.42 12.31
N ALA A 240 5.05 34.20 11.47
CA ALA A 240 4.09 33.09 11.50
C ALA A 240 3.13 33.02 12.69
N ALA A 241 3.43 33.75 13.77
CA ALA A 241 2.53 33.76 14.93
C ALA A 241 1.17 34.37 14.61
N SER A 242 1.13 35.37 13.73
CA SER A 242 -0.08 36.09 13.40
C SER A 242 -0.96 35.42 12.33
N CYS A 243 -0.57 34.27 11.78
CA CYS A 243 -1.40 33.67 10.73
C CYS A 243 -2.68 33.10 11.33
N PRO A 244 -3.77 33.08 10.57
CA PRO A 244 -5.02 32.51 11.10
C PRO A 244 -4.91 31.00 11.29
N VAL A 245 -5.73 30.49 12.20
CA VAL A 245 -5.79 29.06 12.49
C VAL A 245 -6.75 28.40 11.53
N ILE A 246 -6.32 27.27 10.97
CA ILE A 246 -7.14 26.48 10.04
C ILE A 246 -7.68 25.28 10.83
N PRO A 247 -9.00 25.13 10.95
CA PRO A 247 -9.56 24.04 11.74
C PRO A 247 -9.12 22.69 11.22
N PRO A 248 -8.96 21.71 12.11
CA PRO A 248 -8.51 20.37 11.70
C PRO A 248 -9.56 19.66 10.88
N PRO A 249 -9.17 18.65 10.09
CA PRO A 249 -10.16 17.87 9.33
C PRO A 249 -11.19 17.20 10.23
N GLU A 250 -12.43 17.18 9.76
CA GLU A 250 -13.54 16.59 10.48
C GLU A 250 -13.56 15.07 10.30
N ALA A 251 -14.15 14.39 11.27
CA ALA A 251 -14.38 12.95 11.15
C ALA A 251 -15.44 12.67 10.09
N LEU A 252 -15.25 11.59 9.35
CA LEU A 252 -16.20 11.12 8.36
C LEU A 252 -16.94 9.89 8.89
N ARG A 253 -18.13 9.65 8.34
CA ARG A 253 -18.89 8.47 8.70
C ARG A 253 -18.24 7.23 8.11
N PRO A 254 -18.44 6.06 8.72
CA PRO A 254 -17.98 4.80 8.12
C PRO A 254 -18.61 4.53 6.75
N SER A 255 -17.88 3.79 5.93
CA SER A 255 -18.28 3.45 4.57
C SER A 255 -19.49 2.53 4.55
N PHE A 256 -20.01 2.32 3.32
CA PHE A 256 -21.15 1.45 3.01
C PHE A 256 -22.43 1.87 3.74
N TYR A 257 -22.88 3.08 3.41
CA TYR A 257 -24.13 3.61 3.89
C TYR A 257 -24.95 4.14 2.71
N MET A 258 -26.27 4.14 2.88
CA MET A 258 -27.18 4.65 1.86
C MET A 258 -28.40 5.26 2.54
N GLY A 259 -28.88 6.38 2.00
CA GLY A 259 -30.05 7.06 2.53
C GLY A 259 -29.84 7.55 3.96
N ARG A 260 -30.75 7.14 4.85
CA ARG A 260 -30.70 7.54 6.26
C ARG A 260 -30.39 6.39 7.20
N MET A 261 -29.94 5.26 6.67
CA MET A 261 -29.70 4.05 7.46
C MET A 261 -28.38 3.44 7.03
N PRO A 262 -27.78 2.60 7.88
CA PRO A 262 -26.65 1.78 7.44
C PRO A 262 -27.02 0.91 6.24
N GLY A 263 -26.11 0.84 5.27
CA GLY A 263 -26.29 0.16 4.01
C GLY A 263 -26.65 -1.31 4.16
N TRP A 264 -25.77 -2.07 4.82
CA TRP A 264 -25.97 -3.49 5.08
C TRP A 264 -27.29 -3.81 5.77
N LEU A 265 -27.81 -2.90 6.61
CA LEU A 265 -29.09 -3.16 7.26
C LEU A 265 -30.22 -3.18 6.26
N ALA A 266 -30.12 -2.36 5.21
CA ALA A 266 -31.12 -2.39 4.15
C ALA A 266 -31.08 -3.74 3.47
N LEU A 267 -29.86 -4.26 3.28
CA LEU A 267 -29.69 -5.54 2.59
C LEU A 267 -30.39 -6.65 3.33
N ILE A 268 -30.23 -6.72 4.66
CA ILE A 268 -30.80 -7.85 5.39
C ILE A 268 -32.32 -7.81 5.34
N ILE A 269 -32.93 -6.62 5.52
CA ILE A 269 -34.40 -6.58 5.47
C ILE A 269 -34.87 -6.91 4.06
N ILE A 270 -34.18 -6.36 3.05
CA ILE A 270 -34.51 -6.61 1.65
C ILE A 270 -34.34 -8.09 1.35
N PHE A 271 -33.32 -8.70 1.94
CA PHE A 271 -33.12 -10.12 1.76
C PHE A 271 -34.20 -10.91 2.49
N THR A 272 -34.39 -10.61 3.80
CA THR A 272 -35.27 -11.43 4.65
C THR A 272 -36.71 -11.44 4.16
N ALA A 273 -37.21 -10.28 3.69
CA ALA A 273 -38.57 -10.17 3.19
C ALA A 273 -38.83 -11.14 2.05
N VAL A 274 -37.86 -11.26 1.14
CA VAL A 274 -37.99 -12.20 0.02
C VAL A 274 -38.10 -13.61 0.55
N PHE A 275 -37.28 -13.93 1.56
CA PHE A 275 -37.32 -15.23 2.22
C PHE A 275 -38.67 -15.50 2.84
N VAL A 276 -39.27 -14.46 3.44
CA VAL A 276 -40.60 -14.63 4.01
C VAL A 276 -41.63 -14.85 2.91
N LEU A 277 -41.54 -14.03 1.84
CA LEU A 277 -42.62 -13.95 0.84
C LEU A 277 -42.81 -15.28 0.12
N LEU A 278 -41.71 -15.85 -0.37
CA LEU A 278 -41.77 -17.11 -1.11
C LEU A 278 -42.29 -18.23 -0.21
N SER A 279 -41.89 -18.19 1.07
CA SER A 279 -42.31 -19.21 2.02
C SER A 279 -43.82 -19.22 2.17
N ALA A 280 -44.42 -18.01 2.18
CA ALA A 280 -45.86 -17.86 2.34
C ALA A 280 -46.60 -18.57 1.22
N VAL A 281 -46.07 -18.45 -0.01
CA VAL A 281 -46.68 -19.05 -1.19
C VAL A 281 -46.86 -20.55 -1.00
N LEU A 282 -45.81 -21.22 -0.48
CA LEU A 282 -45.85 -22.67 -0.31
C LEU A 282 -46.95 -23.07 0.65
N VAL A 283 -47.10 -22.32 1.75
CA VAL A 283 -48.10 -22.64 2.75
C VAL A 283 -49.48 -22.53 2.16
N ARG A 284 -49.68 -21.47 1.35
CA ARG A 284 -50.96 -21.22 0.67
C ARG A 284 -51.36 -22.41 -0.17
N LEU A 285 -50.40 -22.95 -0.95
CA LEU A 285 -50.70 -24.06 -1.84
C LEU A 285 -51.17 -25.29 -1.06
N ARG A 286 -50.50 -25.57 0.07
CA ARG A 286 -50.85 -26.74 0.88
C ARG A 286 -52.28 -26.61 1.40
N VAL A 287 -52.64 -25.38 1.81
CA VAL A 287 -53.97 -25.12 2.36
C VAL A 287 -55.03 -25.42 1.32
N VAL A 288 -54.76 -25.00 0.08
CA VAL A 288 -55.72 -25.19 -1.02
C VAL A 288 -55.97 -26.68 -1.22
N SER A 289 -54.88 -27.48 -1.15
CA SER A 289 -54.98 -28.93 -1.27
C SER A 289 -55.94 -29.50 -0.23
N ASN A 290 -55.73 -29.11 1.04
CA ASN A 290 -56.55 -29.58 2.15
C ASN A 290 -58.01 -29.18 1.95
N ARG A 291 -58.23 -27.97 1.44
CA ARG A 291 -59.59 -27.56 1.18
C ARG A 291 -60.20 -28.36 0.02
N ASN A 292 -59.44 -28.54 -1.07
CA ASN A 292 -60.00 -29.19 -2.25
C ASN A 292 -60.26 -30.68 -2.08
N LYS A 293 -59.35 -31.40 -1.39
CA LYS A 293 -59.48 -32.85 -1.17
C LYS A 293 -60.80 -33.30 -0.53
N LEU A 311 -48.39 -36.12 -23.48
CA LEU A 311 -47.72 -37.00 -22.52
C LEU A 311 -46.84 -36.22 -21.56
N SER A 312 -46.69 -36.78 -20.36
CA SER A 312 -45.77 -36.23 -19.37
C SER A 312 -44.33 -36.33 -19.89
N PRO A 313 -43.48 -35.35 -19.60
CA PRO A 313 -42.08 -35.41 -20.05
C PRO A 313 -41.29 -36.58 -19.49
N HIS A 314 -41.73 -37.19 -18.39
CA HIS A 314 -40.98 -38.29 -17.79
C HIS A 314 -41.03 -39.52 -18.68
N THR A 315 -42.21 -39.79 -19.27
CA THR A 315 -42.35 -40.94 -20.16
C THR A 315 -41.60 -40.72 -21.46
N ILE A 316 -41.65 -39.49 -22.00
CA ILE A 316 -40.97 -39.17 -23.26
C ILE A 316 -39.46 -39.33 -23.10
N LEU A 317 -38.91 -38.75 -22.02
CA LEU A 317 -37.48 -38.87 -21.74
C LEU A 317 -37.09 -40.31 -21.46
N GLY A 318 -37.91 -41.04 -20.71
CA GLY A 318 -37.66 -42.46 -20.45
C GLY A 318 -37.54 -43.28 -21.73
N ARG A 319 -38.55 -43.18 -22.60
CA ARG A 319 -38.54 -43.93 -23.86
C ARG A 319 -37.37 -43.56 -24.77
N PHE A 320 -37.10 -42.25 -24.89
CA PHE A 320 -35.98 -41.77 -25.70
C PHE A 320 -34.65 -42.32 -25.20
N PHE A 321 -34.38 -42.18 -23.90
CA PHE A 321 -33.12 -42.67 -23.34
C PHE A 321 -33.03 -44.19 -23.37
N GLN A 322 -34.14 -44.93 -23.22
CA GLN A 322 -34.06 -46.39 -23.33
C GLN A 322 -33.67 -46.82 -24.74
N ASN A 323 -34.24 -46.19 -25.76
CA ASN A 323 -33.89 -46.56 -27.14
C ASN A 323 -32.45 -46.18 -27.46
N TRP A 324 -32.03 -44.98 -27.01
CA TRP A 324 -30.67 -44.51 -27.18
C TRP A 324 -29.67 -45.45 -26.50
N GLY A 325 -29.92 -45.75 -25.22
CA GLY A 325 -29.03 -46.60 -24.46
C GLY A 325 -28.91 -48.01 -24.99
N THR A 326 -30.02 -48.62 -25.41
CA THR A 326 -29.93 -49.96 -25.97
C THR A 326 -29.14 -49.98 -27.29
N ARG A 327 -29.37 -48.99 -28.17
CA ARG A 327 -28.58 -48.94 -29.41
C ARG A 327 -27.10 -48.70 -29.15
N VAL A 328 -26.76 -47.82 -28.20
CA VAL A 328 -25.35 -47.58 -27.87
C VAL A 328 -24.71 -48.83 -27.25
N ALA A 329 -25.41 -49.46 -26.30
CA ALA A 329 -24.91 -50.67 -25.64
C ALA A 329 -24.71 -51.82 -26.62
N SER A 330 -25.49 -51.87 -27.70
CA SER A 330 -25.35 -52.93 -28.69
C SER A 330 -23.99 -52.90 -29.40
N TRP A 331 -23.51 -51.70 -29.75
CA TRP A 331 -22.30 -51.50 -30.56
C TRP A 331 -21.09 -50.86 -29.87
N PRO A 332 -20.63 -51.35 -28.71
CA PRO A 332 -19.68 -50.57 -27.87
C PRO A 332 -18.35 -50.16 -28.50
N LEU A 333 -17.81 -50.96 -29.42
CA LEU A 333 -16.50 -50.65 -30.01
C LEU A 333 -16.54 -49.39 -30.88
N THR A 334 -17.61 -49.22 -31.65
CA THR A 334 -17.69 -48.08 -32.56
C THR A 334 -17.84 -46.77 -31.82
N VAL A 335 -18.74 -46.72 -30.83
CA VAL A 335 -18.93 -45.50 -30.05
C VAL A 335 -17.69 -45.18 -29.22
N LEU A 336 -17.04 -46.20 -28.64
CA LEU A 336 -15.82 -45.96 -27.87
C LEU A 336 -14.71 -45.41 -28.77
N ALA A 337 -14.56 -45.95 -29.97
CA ALA A 337 -13.55 -45.47 -30.91
C ALA A 337 -13.82 -44.04 -31.35
N LEU A 338 -15.08 -43.72 -31.69
CA LEU A 338 -15.42 -42.38 -32.15
C LEU A 338 -15.25 -41.34 -31.04
N SER A 339 -15.68 -41.67 -29.82
CA SER A 339 -15.52 -40.77 -28.69
C SER A 339 -14.05 -40.49 -28.40
N PHE A 340 -13.23 -41.55 -28.37
CA PHE A 340 -11.79 -41.40 -28.16
C PHE A 340 -11.16 -40.49 -29.22
N ILE A 341 -11.51 -40.70 -30.48
CA ILE A 341 -10.98 -39.88 -31.58
C ILE A 341 -11.36 -38.41 -31.41
N VAL A 342 -12.63 -38.13 -31.06
CA VAL A 342 -13.08 -36.75 -30.86
C VAL A 342 -12.33 -36.08 -29.69
N VAL A 343 -12.16 -36.82 -28.58
CA VAL A 343 -11.45 -36.29 -27.42
C VAL A 343 -10.00 -35.96 -27.75
N ILE A 344 -9.31 -36.86 -28.48
CA ILE A 344 -7.92 -36.59 -28.89
C ILE A 344 -7.85 -35.41 -29.86
N ALA A 345 -8.80 -35.34 -30.81
CA ALA A 345 -8.86 -34.26 -31.78
C ALA A 345 -9.00 -32.90 -31.10
N LEU A 346 -9.78 -32.82 -30.03
CA LEU A 346 -9.87 -31.55 -29.29
C LEU A 346 -8.64 -31.32 -28.42
N ALA A 347 -8.19 -32.36 -27.70
CA ALA A 347 -7.06 -32.25 -26.78
C ALA A 347 -5.75 -31.83 -27.45
N ALA A 348 -5.57 -32.16 -28.73
CA ALA A 348 -4.35 -31.82 -29.48
C ALA A 348 -4.01 -30.34 -29.51
N GLY A 349 -4.98 -29.45 -29.29
CA GLY A 349 -4.82 -28.00 -29.30
C GLY A 349 -3.84 -27.42 -28.29
N LEU A 350 -3.41 -28.19 -27.30
CA LEU A 350 -2.51 -27.70 -26.25
C LEU A 350 -1.15 -27.21 -26.77
N THR A 351 -0.76 -27.55 -28.00
CA THR A 351 0.49 -27.04 -28.58
C THR A 351 0.53 -25.52 -28.72
N PHE A 352 -0.62 -24.84 -28.73
CA PHE A 352 -0.70 -23.40 -28.90
C PHE A 352 -0.86 -22.66 -27.58
N ILE A 353 -0.65 -23.33 -26.44
CA ILE A 353 -0.89 -22.73 -25.13
C ILE A 353 0.09 -21.60 -24.86
N GLU A 354 -0.42 -20.53 -24.26
CA GLU A 354 0.38 -19.39 -23.82
C GLU A 354 -0.03 -19.07 -22.39
N LEU A 355 0.94 -18.90 -21.50
CA LEU A 355 0.66 -18.65 -20.10
C LEU A 355 1.01 -17.22 -19.71
N THR A 356 0.17 -16.62 -18.87
CA THR A 356 0.46 -15.34 -18.24
C THR A 356 0.94 -15.61 -16.82
N THR A 357 2.07 -15.01 -16.45
CA THR A 357 2.66 -15.23 -15.13
C THR A 357 2.62 -14.02 -14.20
N ASP A 358 2.34 -12.82 -14.72
CA ASP A 358 2.39 -11.62 -13.89
C ASP A 358 1.14 -11.58 -13.02
N PRO A 359 1.27 -11.66 -11.69
CA PRO A 359 0.07 -11.73 -10.82
C PRO A 359 -0.81 -10.49 -10.83
N VAL A 360 -0.30 -9.34 -11.24
CA VAL A 360 -1.12 -8.14 -11.23
C VAL A 360 -2.07 -8.17 -12.42
N GLU A 361 -1.56 -8.57 -13.58
CA GLU A 361 -2.40 -8.75 -14.77
C GLU A 361 -3.46 -9.82 -14.53
N LEU A 362 -3.10 -10.87 -13.80
CA LEU A 362 -4.07 -11.94 -13.53
C LEU A 362 -5.16 -11.50 -12.56
N TRP A 363 -4.83 -10.73 -11.51
CA TRP A 363 -5.80 -10.44 -10.48
C TRP A 363 -6.32 -9.00 -10.49
N SER A 364 -6.38 -8.35 -11.65
CA SER A 364 -6.92 -7.00 -11.73
C SER A 364 -7.77 -6.81 -12.98
N ALA A 365 -8.75 -5.91 -12.87
CA ALA A 365 -9.68 -5.64 -13.96
C ALA A 365 -8.95 -5.02 -15.16
N PRO A 366 -9.24 -5.45 -16.38
CA PRO A 366 -8.58 -4.87 -17.56
C PRO A 366 -9.05 -3.47 -17.94
N LYS A 367 -10.25 -3.05 -17.55
CA LYS A 367 -10.73 -1.71 -17.89
C LYS A 367 -11.35 -1.06 -16.67
N SER A 368 -10.90 0.15 -16.38
CA SER A 368 -11.27 0.91 -15.18
C SER A 368 -10.71 2.32 -15.32
N GLN A 369 -11.03 3.16 -14.34
CA GLN A 369 -10.50 4.51 -14.26
C GLN A 369 -8.98 4.52 -14.08
N ALA A 370 -8.47 3.59 -13.25
CA ALA A 370 -7.04 3.51 -12.98
C ALA A 370 -6.23 3.17 -14.23
N ARG A 371 -6.77 2.32 -15.11
CA ARG A 371 -6.07 2.01 -16.35
C ARG A 371 -5.94 3.23 -17.24
N LYS A 372 -6.98 4.06 -17.30
CA LYS A 372 -6.93 5.31 -18.06
C LYS A 372 -5.88 6.26 -17.50
N GLU A 373 -5.85 6.40 -16.17
CA GLU A 373 -4.86 7.28 -15.54
C GLU A 373 -3.43 6.78 -15.75
N LYS A 374 -3.23 5.46 -15.65
CA LYS A 374 -1.93 4.86 -15.90
C LYS A 374 -1.47 5.08 -17.34
N SER A 375 -2.39 4.87 -18.29
CA SER A 375 -2.08 5.09 -19.71
C SER A 375 -1.66 6.54 -19.98
N PHE A 376 -2.43 7.49 -19.45
CA PHE A 376 -2.09 8.92 -19.62
C PHE A 376 -0.72 9.25 -19.04
N HIS A 377 -0.47 8.82 -17.79
CA HIS A 377 0.82 9.06 -17.14
C HIS A 377 1.97 8.47 -17.92
N ASP A 378 1.85 7.20 -18.33
CA ASP A 378 2.91 6.54 -19.08
C ASP A 378 3.17 7.22 -20.41
N GLU A 379 2.11 7.67 -21.10
CA GLU A 379 2.27 8.35 -22.37
C GLU A 379 2.99 9.68 -22.22
N HIS A 380 2.59 10.51 -21.24
CA HIS A 380 3.18 11.83 -21.15
C HIS A 380 4.52 11.89 -20.41
N PHE A 381 4.74 11.06 -19.39
CA PHE A 381 5.95 11.21 -18.59
C PHE A 381 6.90 10.03 -18.60
N GLY A 382 6.52 8.89 -19.16
CA GLY A 382 7.37 7.73 -19.11
C GLY A 382 7.04 6.78 -17.97
N PRO A 383 7.46 5.52 -18.10
CA PRO A 383 7.12 4.53 -17.08
C PRO A 383 7.83 4.74 -15.75
N PHE A 384 7.19 4.24 -14.69
CA PHE A 384 7.74 4.27 -13.35
C PHE A 384 8.89 3.27 -13.21
N PHE A 385 9.92 3.66 -12.47
CA PHE A 385 11.15 2.87 -12.35
C PHE A 385 11.00 1.66 -11.43
N ARG A 386 11.91 0.69 -11.63
CA ARG A 386 12.01 -0.53 -10.84
C ARG A 386 12.93 -0.28 -9.65
N THR A 387 12.62 -0.88 -8.50
CA THR A 387 13.39 -0.69 -7.28
C THR A 387 13.92 -2.02 -6.72
N ASN A 388 15.24 -2.10 -6.55
CA ASN A 388 15.92 -3.23 -5.95
C ASN A 388 16.49 -2.79 -4.60
N GLN A 389 16.11 -3.44 -3.51
CA GLN A 389 16.42 -2.82 -2.23
C GLN A 389 16.93 -3.82 -1.19
N ILE A 390 17.94 -3.40 -0.40
CA ILE A 390 18.45 -4.22 0.69
C ILE A 390 18.46 -3.42 1.99
N PHE A 391 18.28 -4.13 3.11
CA PHE A 391 18.33 -3.62 4.47
C PHE A 391 19.40 -4.38 5.24
N VAL A 392 20.07 -3.71 6.18
CA VAL A 392 21.03 -4.39 7.07
C VAL A 392 20.94 -3.80 8.48
N THR A 393 20.92 -4.68 9.50
CA THR A 393 21.01 -4.24 10.90
C THR A 393 22.00 -5.10 11.69
N ALA A 394 22.62 -4.46 12.68
CA ALA A 394 23.68 -5.10 13.48
C ALA A 394 23.17 -6.20 14.40
N ARG A 395 23.85 -7.36 14.36
CA ARG A 395 23.44 -8.51 15.16
C ARG A 395 23.65 -8.28 16.65
N ASN A 396 24.83 -7.83 17.06
CA ASN A 396 25.10 -7.58 18.48
C ASN A 396 26.10 -6.45 18.56
N ARG A 397 25.72 -5.36 19.23
CA ARG A 397 26.55 -4.20 19.54
C ARG A 397 25.85 -3.42 20.63
N SER A 398 26.57 -2.49 21.25
CA SER A 398 26.02 -1.64 22.29
C SER A 398 26.11 -0.19 21.85
N SER A 399 24.98 0.52 21.93
CA SER A 399 24.92 1.93 21.58
C SER A 399 25.82 2.75 22.49
N TYR A 400 26.60 3.65 21.88
CA TYR A 400 27.53 4.46 22.66
C TYR A 400 27.18 5.93 22.58
N LYS A 401 28.14 6.78 22.97
CA LYS A 401 27.92 8.21 23.03
C LYS A 401 29.11 8.93 22.46
N TYR A 402 28.87 10.11 21.92
CA TYR A 402 29.92 10.96 21.36
C TYR A 402 29.59 12.40 21.72
N ASP A 403 30.58 13.14 22.20
CA ASP A 403 30.36 14.52 22.64
C ASP A 403 31.04 15.44 21.64
N SER A 404 30.23 16.02 20.76
CA SER A 404 30.73 16.86 19.69
C SER A 404 30.76 18.32 20.12
N LEU A 405 31.71 19.07 19.54
CA LEU A 405 31.80 20.51 19.78
C LEU A 405 30.54 21.23 19.31
N LEU A 406 29.99 20.82 18.18
CA LEU A 406 28.90 21.58 17.58
C LEU A 406 27.56 21.22 18.22
N LEU A 407 27.30 19.93 18.42
CA LEU A 407 25.98 19.49 18.83
C LEU A 407 25.89 18.94 20.25
N GLY A 408 27.01 18.72 20.94
CA GLY A 408 26.91 18.15 22.27
C GLY A 408 26.89 16.64 22.27
N SER A 409 26.34 16.08 23.36
CA SER A 409 26.35 14.65 23.59
C SER A 409 25.23 13.96 22.82
N LYS A 410 25.59 13.06 21.92
CA LYS A 410 24.66 12.34 21.07
C LYS A 410 24.87 10.83 21.19
N ASN A 411 23.78 10.08 21.01
CA ASN A 411 23.81 8.63 21.08
C ASN A 411 24.01 8.07 19.68
N PHE A 412 24.91 7.11 19.54
CA PHE A 412 25.08 6.43 18.26
C PHE A 412 24.79 4.95 18.41
N SER A 413 24.09 4.40 17.43
CA SER A 413 23.77 2.98 17.36
C SER A 413 24.97 2.17 16.93
N GLY A 414 24.89 0.86 17.21
CA GLY A 414 25.96 -0.06 16.86
C GLY A 414 26.22 -0.17 15.36
N ILE A 415 25.14 -0.10 14.56
CA ILE A 415 25.28 -0.22 13.11
C ILE A 415 26.02 0.97 12.49
N LEU A 416 26.14 2.07 13.20
CA LEU A 416 26.81 3.25 12.69
C LEU A 416 28.29 3.27 13.04
N SER A 417 28.82 2.15 13.52
CA SER A 417 30.25 2.02 13.79
C SER A 417 31.06 2.16 12.50
N LEU A 418 32.24 2.78 12.63
CA LEU A 418 33.08 3.15 11.49
C LEU A 418 33.49 1.95 10.64
N ASP A 419 33.86 0.83 11.28
CA ASP A 419 34.36 -0.33 10.55
C ASP A 419 33.31 -0.95 9.62
N PHE A 420 32.05 -0.99 10.06
CA PHE A 420 30.97 -1.59 9.27
C PHE A 420 30.77 -0.89 7.94
N LEU A 421 30.85 0.45 7.97
CA LEU A 421 30.59 1.27 6.79
C LEU A 421 31.56 0.96 5.65
N LEU A 422 32.83 0.69 5.98
CA LEU A 422 33.81 0.35 4.96
C LEU A 422 33.44 -0.95 4.25
N GLU A 423 33.00 -1.96 5.00
CA GLU A 423 32.57 -3.23 4.42
C GLU A 423 31.35 -3.04 3.53
N LEU A 424 30.39 -2.23 3.99
CA LEU A 424 29.22 -1.92 3.17
C LEU A 424 29.60 -1.18 1.90
N LEU A 425 30.61 -0.30 2.00
CA LEU A 425 31.13 0.40 0.82
C LEU A 425 31.73 -0.57 -0.17
N GLU A 426 32.45 -1.58 0.32
CA GLU A 426 32.98 -2.62 -0.58
C GLU A 426 31.85 -3.38 -1.26
N LEU A 427 30.80 -3.73 -0.53
CA LEU A 427 29.69 -4.47 -1.14
C LEU A 427 28.99 -3.64 -2.21
N GLN A 428 28.76 -2.36 -1.92
CA GLN A 428 28.13 -1.47 -2.89
C GLN A 428 29.00 -1.34 -4.13
N GLU A 429 30.33 -1.20 -3.94
CA GLU A 429 31.26 -1.06 -5.05
C GLU A 429 31.28 -2.33 -5.92
N ARG A 430 31.22 -3.51 -5.29
CA ARG A 430 31.12 -4.75 -6.08
C ARG A 430 29.85 -4.78 -6.90
N LEU A 431 28.73 -4.31 -6.34
CA LEU A 431 27.48 -4.33 -7.08
C LEU A 431 27.48 -3.37 -8.28
N ARG A 432 28.10 -2.19 -8.16
CA ARG A 432 28.07 -1.24 -9.29
C ARG A 432 28.80 -1.75 -10.53
N HIS A 433 30.00 -2.34 -10.37
CA HIS A 433 30.80 -2.74 -11.53
C HIS A 433 30.20 -3.89 -12.32
N LEU A 434 29.53 -4.84 -11.64
CA LEU A 434 29.02 -6.13 -12.12
C LEU A 434 28.50 -6.18 -13.55
N GLN A 435 28.85 -7.24 -14.29
CA GLN A 435 28.42 -7.45 -15.66
C GLN A 435 27.83 -8.84 -15.81
N VAL A 436 26.90 -9.00 -16.76
CA VAL A 436 26.29 -10.31 -17.00
C VAL A 436 26.39 -10.70 -18.47
N TRP A 437 26.51 -12.01 -18.72
CA TRP A 437 26.57 -12.51 -20.08
C TRP A 437 25.17 -12.54 -20.69
N SER A 438 25.04 -11.95 -21.88
CA SER A 438 23.78 -11.95 -22.62
C SER A 438 23.91 -12.83 -23.85
N PRO A 439 23.29 -14.02 -23.84
CA PRO A 439 23.32 -14.91 -25.01
C PRO A 439 22.76 -14.31 -26.29
N GLU A 440 21.69 -13.53 -26.22
CA GLU A 440 21.14 -12.95 -27.45
C GLU A 440 22.02 -11.84 -27.97
N ALA A 441 22.46 -10.94 -27.09
CA ALA A 441 23.37 -9.90 -27.53
C ALA A 441 24.81 -10.39 -27.62
N GLU A 442 25.08 -11.56 -27.01
CA GLU A 442 26.41 -12.18 -26.92
C GLU A 442 27.43 -11.23 -26.31
N ARG A 443 27.09 -10.61 -25.17
CA ARG A 443 28.03 -9.64 -24.62
C ARG A 443 27.78 -9.42 -23.14
N ASN A 444 28.69 -8.69 -22.51
CA ASN A 444 28.60 -8.36 -21.08
C ASN A 444 27.80 -7.09 -20.90
N ILE A 445 26.65 -7.22 -20.26
CA ILE A 445 25.77 -6.10 -19.93
C ILE A 445 26.27 -5.47 -18.65
N SER A 446 26.50 -4.16 -18.69
CA SER A 446 26.96 -3.35 -17.59
C SER A 446 25.79 -2.60 -16.98
N LEU A 447 26.01 -2.04 -15.78
CA LEU A 447 24.97 -1.30 -15.08
C LEU A 447 24.51 -0.08 -15.86
N GLN A 448 25.44 0.66 -16.47
CA GLN A 448 25.09 1.88 -17.21
C GLN A 448 24.29 1.63 -18.48
N ASP A 449 24.06 0.37 -18.88
CA ASP A 449 23.25 0.10 -20.04
C ASP A 449 21.76 0.08 -19.73
N ILE A 450 21.38 -0.11 -18.46
CA ILE A 450 19.99 -0.26 -18.07
C ILE A 450 19.58 0.62 -16.90
N CYS A 451 20.53 1.32 -16.27
CA CYS A 451 20.21 2.00 -15.02
C CYS A 451 19.38 3.24 -15.27
N TYR A 452 18.65 3.65 -14.24
CA TYR A 452 17.88 4.88 -14.23
C TYR A 452 18.79 6.02 -13.80
N ALA A 453 18.69 7.15 -14.49
CA ALA A 453 19.47 8.30 -14.09
C ALA A 453 18.66 9.57 -14.29
N PRO A 454 18.51 10.39 -13.25
CA PRO A 454 17.74 11.64 -13.41
C PRO A 454 18.44 12.66 -14.26
N LEU A 455 19.75 12.54 -14.44
CA LEU A 455 20.51 13.49 -15.23
C LEU A 455 21.24 12.71 -16.29
N ASN A 456 21.48 13.39 -17.42
CA ASN A 456 22.22 12.85 -18.55
C ASN A 456 21.72 11.50 -19.08
N PRO A 457 20.45 11.39 -19.48
CA PRO A 457 19.90 10.08 -19.89
C PRO A 457 20.59 9.45 -21.10
N TYR A 458 21.31 10.25 -21.89
CA TYR A 458 22.04 9.79 -23.06
C TYR A 458 23.49 10.25 -22.92
N ASN A 459 24.40 9.48 -23.53
CA ASN A 459 25.85 9.63 -23.37
C ASN A 459 26.21 9.53 -21.89
N THR A 460 25.59 8.56 -21.21
CA THR A 460 25.71 8.40 -19.77
C THR A 460 26.98 7.64 -19.39
N SER A 461 27.22 7.57 -18.09
CA SER A 461 28.37 6.89 -17.54
C SER A 461 27.96 6.21 -16.23
N LEU A 462 28.87 5.40 -15.71
CA LEU A 462 28.63 4.66 -14.47
C LEU A 462 28.38 5.59 -13.28
N SER A 463 29.06 6.73 -13.24
CA SER A 463 28.89 7.70 -12.15
C SER A 463 27.52 8.36 -12.11
N ASP A 464 26.72 8.26 -13.17
CA ASP A 464 25.42 8.93 -13.22
C ASP A 464 24.27 8.07 -12.71
N CYS A 465 24.45 6.76 -12.61
CA CYS A 465 23.39 5.84 -12.22
C CYS A 465 22.88 6.13 -10.81
N CYS A 466 21.57 6.09 -10.64
CA CYS A 466 20.92 6.43 -9.37
C CYS A 466 21.08 5.30 -8.36
N VAL A 467 21.85 5.55 -7.31
CA VAL A 467 22.06 4.65 -6.18
C VAL A 467 21.96 5.48 -4.91
N ASN A 468 21.00 5.15 -4.05
CA ASN A 468 20.80 5.89 -2.81
C ASN A 468 21.35 5.09 -1.63
N SER A 469 22.16 5.74 -0.82
CA SER A 469 22.74 5.12 0.37
C SER A 469 23.26 6.22 1.28
N LEU A 470 23.58 5.85 2.52
CA LEU A 470 24.21 6.76 3.46
C LEU A 470 25.53 7.29 2.93
N LEU A 471 26.31 6.43 2.28
CA LEU A 471 27.65 6.75 1.81
C LEU A 471 27.66 7.81 0.71
N GLN A 472 26.49 8.11 0.14
CA GLN A 472 26.37 9.21 -0.82
C GLN A 472 26.70 10.54 -0.19
N TYR A 473 26.56 10.69 1.14
CA TYR A 473 26.99 11.93 1.77
C TYR A 473 28.49 12.15 1.67
N PHE A 474 29.27 11.09 1.42
CA PHE A 474 30.71 11.20 1.27
C PHE A 474 31.15 10.94 -0.16
N GLN A 475 30.19 10.94 -1.11
CA GLN A 475 30.42 10.70 -2.54
C GLN A 475 31.17 9.40 -2.82
N ASN A 476 30.94 8.39 -1.97
CA ASN A 476 31.53 7.04 -2.06
C ASN A 476 33.05 7.05 -2.07
N ASN A 477 33.68 8.09 -1.53
CA ASN A 477 35.13 8.26 -1.56
C ASN A 477 35.68 7.82 -0.20
N ARG A 478 36.39 6.69 -0.20
CA ARG A 478 36.96 6.11 1.02
C ARG A 478 37.87 7.07 1.76
N THR A 479 38.67 7.85 1.03
CA THR A 479 39.59 8.81 1.65
C THR A 479 38.84 9.87 2.44
N LEU A 480 37.76 10.42 1.86
CA LEU A 480 36.98 11.46 2.51
C LEU A 480 36.34 10.98 3.80
N LEU A 481 35.89 9.73 3.82
CA LEU A 481 35.28 9.13 5.02
C LEU A 481 36.25 9.07 6.19
N MET A 482 37.55 9.01 5.93
CA MET A 482 38.55 8.84 6.98
C MET A 482 39.26 10.12 7.39
N LEU A 483 38.80 11.28 6.91
CA LEU A 483 39.49 12.51 7.26
C LEU A 483 39.05 13.03 8.63
N THR A 484 39.99 13.68 9.32
CA THR A 484 39.74 14.39 10.56
C THR A 484 40.42 15.74 10.47
N ALA A 485 40.02 16.67 11.35
CA ALA A 485 40.65 17.98 11.35
C ALA A 485 40.44 18.67 12.69
N ASN A 486 41.29 19.64 12.98
CA ASN A 486 41.18 20.41 14.21
C ASN A 486 40.54 21.76 13.95
N GLN A 487 39.64 22.17 14.84
CA GLN A 487 39.07 23.51 14.76
C GLN A 487 38.74 23.97 16.17
N THR A 488 38.58 25.28 16.30
CA THR A 488 38.27 25.92 17.58
C THR A 488 36.90 26.58 17.55
N LEU A 489 36.10 26.28 18.57
CA LEU A 489 34.80 26.89 18.81
C LEU A 489 34.94 27.48 20.21
N ASN A 490 34.53 28.74 20.37
CA ASN A 490 34.80 29.64 21.50
C ASN A 490 35.99 29.28 22.38
N GLY A 491 35.82 28.57 23.49
CA GLY A 491 36.95 28.23 24.32
C GLY A 491 37.50 26.82 24.19
N GLN A 492 36.99 26.03 23.26
CA GLN A 492 37.41 24.64 23.10
C GLN A 492 37.97 24.40 21.71
N THR A 493 39.11 23.72 21.63
CA THR A 493 39.71 23.30 20.38
C THR A 493 39.66 21.78 20.34
N SER A 494 39.17 21.20 19.25
CA SER A 494 39.10 19.74 19.19
C SER A 494 39.03 19.25 17.75
N LEU A 495 38.88 17.94 17.63
CA LEU A 495 38.90 17.21 16.38
C LEU A 495 37.48 16.94 15.89
N VAL A 496 37.31 16.99 14.57
CA VAL A 496 36.06 16.67 13.89
C VAL A 496 36.33 15.57 12.86
N ASP A 497 35.32 14.76 12.62
CA ASP A 497 35.43 13.58 11.77
C ASP A 497 34.12 13.38 11.00
N TRP A 498 33.94 12.18 10.45
CA TRP A 498 32.77 11.84 9.62
C TRP A 498 31.45 11.97 10.37
N LYS A 499 31.45 11.72 11.69
CA LYS A 499 30.24 11.76 12.50
C LYS A 499 29.57 13.13 12.46
N ASP A 500 30.37 14.18 12.62
CA ASP A 500 29.86 15.55 12.59
C ASP A 500 29.33 15.89 11.22
N HIS A 501 30.04 15.49 10.16
CA HIS A 501 29.63 15.80 8.81
C HIS A 501 28.31 15.14 8.48
N PHE A 502 28.13 13.88 8.89
CA PHE A 502 26.86 13.18 8.65
C PHE A 502 25.73 13.85 9.40
N LEU A 503 25.95 14.22 10.66
CA LEU A 503 24.92 14.89 11.45
C LEU A 503 24.54 16.22 10.83
N TYR A 504 25.53 16.96 10.30
CA TYR A 504 25.25 18.23 9.65
C TYR A 504 24.45 18.04 8.36
N CYS A 505 24.80 17.06 7.53
CA CYS A 505 24.07 16.87 6.27
C CYS A 505 22.66 16.37 6.49
N ALA A 506 22.44 15.55 7.53
CA ALA A 506 21.11 14.97 7.74
C ALA A 506 20.05 16.04 7.99
N ASN A 507 20.35 17.05 8.81
CA ASN A 507 19.36 18.09 9.07
C ASN A 507 19.27 19.12 7.95
N ALA A 508 20.19 19.11 6.99
CA ALA A 508 20.20 20.08 5.89
C ALA A 508 20.63 19.39 4.60
N PRO A 509 19.76 18.50 4.05
CA PRO A 509 20.12 17.67 2.87
C PRO A 509 20.70 18.41 1.67
N LEU A 510 20.30 19.65 1.41
CA LEU A 510 20.83 20.42 0.30
C LEU A 510 21.77 21.48 0.86
N THR A 511 23.05 21.36 0.54
CA THR A 511 24.11 22.29 0.87
C THR A 511 25.33 21.90 0.04
N PHE A 512 26.12 22.90 -0.33
CA PHE A 512 27.31 22.66 -1.13
C PHE A 512 28.60 22.69 -0.33
N LYS A 513 28.53 22.92 0.98
CA LYS A 513 29.67 22.88 1.87
C LYS A 513 29.14 22.88 3.31
N ASP A 514 29.92 22.29 4.20
CA ASP A 514 29.67 22.37 5.63
C ASP A 514 30.20 23.67 6.21
N GLY A 515 30.00 23.81 7.52
CA GLY A 515 30.50 24.94 8.25
C GLY A 515 31.68 24.57 9.11
N THR A 516 32.18 23.35 8.98
CA THR A 516 33.29 22.83 9.75
C THR A 516 34.55 22.92 8.91
N SER A 517 35.68 22.53 9.50
CA SER A 517 36.95 22.47 8.78
C SER A 517 36.87 21.55 7.57
N LEU A 518 36.16 20.44 7.70
CA LEU A 518 35.94 19.49 6.62
C LEU A 518 34.83 20.00 5.70
N ALA A 519 35.15 21.06 4.95
CA ALA A 519 34.15 21.77 4.15
C ALA A 519 33.82 20.98 2.88
N LEU A 520 33.15 19.85 3.08
CA LEU A 520 32.72 18.96 2.00
C LEU A 520 31.25 19.22 1.67
N SER A 521 30.87 18.90 0.44
CA SER A 521 29.48 19.01 0.05
C SER A 521 28.70 17.81 0.55
N CYS A 522 27.37 17.95 0.59
CA CYS A 522 26.52 16.86 1.04
C CYS A 522 25.64 16.30 -0.06
N MET A 523 25.88 16.66 -1.31
CA MET A 523 25.06 16.13 -2.39
C MET A 523 25.67 14.86 -2.96
N ALA A 524 24.80 14.02 -3.51
CA ALA A 524 25.23 12.78 -4.15
C ALA A 524 26.08 13.05 -5.39
N ASP A 525 26.92 12.08 -5.73
CA ASP A 525 27.79 12.20 -6.90
C ASP A 525 27.00 12.35 -8.20
N TYR A 526 25.80 11.79 -8.27
CA TYR A 526 25.03 11.92 -9.50
C TYR A 526 24.29 13.23 -9.61
N GLY A 527 24.45 14.16 -8.68
CA GLY A 527 23.89 15.49 -8.80
C GLY A 527 22.56 15.79 -8.15
N ALA A 528 22.22 15.14 -7.04
CA ALA A 528 20.94 15.41 -6.40
C ALA A 528 21.08 15.24 -4.90
N PRO A 529 20.28 15.93 -4.08
CA PRO A 529 20.34 15.69 -2.64
C PRO A 529 19.75 14.36 -2.24
N VAL A 530 20.27 13.81 -1.15
CA VAL A 530 19.79 12.56 -0.57
C VAL A 530 19.17 12.86 0.79
N PHE A 531 17.89 12.52 0.94
CA PHE A 531 17.05 12.74 2.10
C PHE A 531 17.23 11.63 3.13
N PRO A 532 17.23 12.01 4.42
CA PRO A 532 17.41 11.03 5.51
C PRO A 532 16.50 9.81 5.49
N PHE A 533 15.23 9.96 5.10
CA PHE A 533 14.34 8.80 5.06
C PHE A 533 14.63 7.84 3.92
N LEU A 534 15.60 8.14 3.05
CA LEU A 534 16.01 7.25 1.99
C LEU A 534 17.34 6.56 2.29
N ALA A 535 18.03 6.99 3.34
CA ALA A 535 19.35 6.47 3.70
C ALA A 535 19.34 5.60 4.93
N VAL A 536 18.58 5.98 5.97
CA VAL A 536 18.51 5.26 7.22
C VAL A 536 17.04 5.06 7.59
N GLY A 537 16.80 4.17 8.55
CA GLY A 537 15.44 4.01 9.04
C GLY A 537 15.43 3.37 10.41
N GLY A 538 14.26 3.38 11.03
CA GLY A 538 14.13 2.83 12.37
C GLY A 538 14.45 3.85 13.45
N TYR A 539 13.93 5.06 13.31
CA TYR A 539 14.18 6.14 14.25
C TYR A 539 12.90 6.90 14.52
N GLN A 540 12.89 7.63 15.63
CA GLN A 540 11.77 8.50 15.96
C GLN A 540 12.22 9.95 15.89
N GLY A 541 11.25 10.84 15.62
CA GLY A 541 11.50 12.27 15.60
C GLY A 541 12.55 12.68 14.58
N THR A 542 13.58 13.37 15.06
CA THR A 542 14.71 13.81 14.25
C THR A 542 16.02 13.24 14.78
N ASP A 543 15.95 12.18 15.59
CA ASP A 543 17.13 11.56 16.18
C ASP A 543 17.74 10.59 15.18
N TYR A 544 18.37 11.17 14.14
CA TYR A 544 18.88 10.39 13.03
C TYR A 544 20.03 9.49 13.44
N SER A 545 20.84 9.94 14.40
CA SER A 545 21.99 9.17 14.87
C SER A 545 21.60 7.87 15.57
N GLU A 546 20.37 7.74 16.01
CA GLU A 546 19.89 6.56 16.72
C GLU A 546 19.28 5.52 15.79
N ALA A 547 19.36 5.73 14.47
CA ALA A 547 18.78 4.83 13.48
C ALA A 547 19.36 3.43 13.59
N GLU A 548 18.52 2.42 13.34
CA GLU A 548 18.88 1.03 13.52
C GLU A 548 19.25 0.30 12.23
N ALA A 549 18.61 0.61 11.11
CA ALA A 549 18.81 -0.12 9.87
C ALA A 549 19.40 0.79 8.80
N LEU A 550 20.27 0.23 7.96
CA LEU A 550 20.76 0.94 6.79
C LEU A 550 20.13 0.37 5.53
N ILE A 551 19.87 1.24 4.56
CA ILE A 551 19.13 0.92 3.34
C ILE A 551 19.99 1.24 2.13
N ILE A 552 20.10 0.29 1.20
CA ILE A 552 20.78 0.51 -0.07
C ILE A 552 19.79 0.20 -1.20
N THR A 553 19.56 1.18 -2.08
CA THR A 553 18.54 1.06 -3.12
C THR A 553 19.12 1.32 -4.50
N PHE A 554 18.83 0.43 -5.45
CA PHE A 554 19.18 0.59 -6.85
C PHE A 554 17.91 0.80 -7.66
N SER A 555 17.95 1.70 -8.63
CA SER A 555 16.79 1.96 -9.49
C SER A 555 17.13 1.61 -10.93
N LEU A 556 16.23 0.90 -11.59
CA LEU A 556 16.39 0.52 -12.99
C LEU A 556 15.26 1.09 -13.83
N ASN A 557 15.57 1.37 -15.09
CA ASN A 557 14.55 1.87 -16.02
C ASN A 557 13.54 0.78 -16.36
N ASN A 558 12.28 1.19 -16.50
CA ASN A 558 11.29 0.26 -17.02
C ASN A 558 11.17 0.49 -18.53
N TYR A 559 10.43 -0.39 -19.20
CA TYR A 559 10.31 -0.36 -20.65
C TYR A 559 8.97 -0.96 -21.06
N PRO A 560 8.53 -0.74 -22.30
CA PRO A 560 7.47 -1.60 -22.84
C PRO A 560 7.90 -3.06 -22.90
N ALA A 561 6.90 -3.95 -22.82
CA ALA A 561 7.15 -5.39 -22.83
C ALA A 561 7.81 -5.86 -24.13
N ASP A 562 7.42 -5.26 -25.26
CA ASP A 562 7.97 -5.64 -26.56
C ASP A 562 9.47 -5.36 -26.68
N ASP A 563 9.95 -4.34 -25.97
CA ASP A 563 11.36 -3.92 -26.05
C ASP A 563 12.24 -5.06 -25.56
N PRO A 564 13.29 -5.43 -26.31
CA PRO A 564 14.16 -6.53 -25.86
C PRO A 564 15.00 -6.21 -24.64
N ARG A 565 15.29 -4.92 -24.39
CA ARG A 565 16.21 -4.51 -23.32
C ARG A 565 15.75 -4.96 -21.94
N MET A 566 14.42 -5.15 -21.76
CA MET A 566 13.87 -5.63 -20.49
C MET A 566 14.47 -6.97 -20.10
N ALA A 567 14.62 -7.86 -21.10
CA ALA A 567 15.19 -9.19 -20.84
C ALA A 567 16.60 -9.05 -20.30
N GLN A 568 17.37 -8.12 -20.89
CA GLN A 568 18.73 -7.84 -20.43
C GLN A 568 18.70 -7.36 -18.99
N ALA A 569 17.73 -6.48 -18.68
CA ALA A 569 17.59 -5.94 -17.34
C ALA A 569 17.29 -7.05 -16.34
N LYS A 570 16.43 -7.99 -16.73
CA LYS A 570 16.06 -9.09 -15.84
C LYS A 570 17.29 -9.94 -15.51
N LEU A 571 18.16 -10.14 -16.51
CA LEU A 571 19.37 -10.93 -16.30
C LEU A 571 20.25 -10.32 -15.23
N TRP A 572 20.32 -8.98 -15.21
CA TRP A 572 21.12 -8.28 -14.23
C TRP A 572 20.63 -8.56 -12.82
N GLU A 573 19.29 -8.55 -12.65
CA GLU A 573 18.69 -8.77 -11.34
C GLU A 573 19.04 -10.14 -10.80
N GLU A 574 19.17 -11.15 -11.69
CA GLU A 574 19.52 -12.50 -11.26
C GLU A 574 20.87 -12.51 -10.57
N ALA A 575 21.86 -11.85 -11.18
CA ALA A 575 23.20 -11.79 -10.60
C ALA A 575 23.17 -11.07 -9.27
N PHE A 576 22.33 -10.02 -9.18
CA PHE A 576 22.15 -9.24 -7.97
C PHE A 576 21.77 -10.15 -6.82
N LEU A 577 20.76 -10.99 -7.06
CA LEU A 577 20.25 -11.88 -6.01
C LEU A 577 21.32 -12.86 -5.56
N LYS A 578 22.08 -13.39 -6.54
CA LYS A 578 23.12 -14.37 -6.22
C LYS A 578 24.18 -13.76 -5.32
N GLU A 579 24.55 -12.51 -5.63
CA GLU A 579 25.59 -11.84 -4.86
C GLU A 579 25.17 -11.65 -3.41
N MET A 580 23.89 -11.28 -3.22
CA MET A 580 23.40 -11.04 -1.87
C MET A 580 23.43 -12.31 -1.04
N GLU A 581 23.06 -13.45 -1.67
CA GLU A 581 23.05 -14.71 -0.94
C GLU A 581 24.45 -15.09 -0.53
N SER A 582 25.43 -14.84 -1.42
CA SER A 582 26.82 -15.13 -1.12
C SER A 582 27.27 -14.31 0.07
N PHE A 583 26.94 -13.00 0.05
CA PHE A 583 27.27 -12.11 1.15
C PHE A 583 26.64 -12.59 2.44
N GLN A 584 25.35 -12.98 2.36
CA GLN A 584 24.62 -13.46 3.52
C GLN A 584 25.32 -14.65 4.18
N ARG A 585 25.89 -15.55 3.37
CA ARG A 585 26.67 -16.64 3.96
C ARG A 585 27.94 -16.13 4.61
N ASN A 586 28.68 -15.26 3.90
CA ASN A 586 29.98 -14.77 4.38
C ASN A 586 29.86 -13.96 5.66
N THR A 587 28.78 -13.23 5.85
CA THR A 587 28.61 -12.34 6.98
C THR A 587 27.50 -12.80 7.90
N SER A 588 27.40 -14.13 8.08
CA SER A 588 26.33 -14.73 8.87
C SER A 588 26.33 -14.23 10.31
N ASP A 589 27.48 -14.15 10.97
CA ASP A 589 27.52 -13.54 12.29
C ASP A 589 28.33 -12.25 12.20
N LYS A 590 27.62 -11.13 12.16
CA LYS A 590 28.09 -9.75 12.24
C LYS A 590 26.86 -8.86 12.29
N PHE A 591 26.06 -8.98 11.23
CA PHE A 591 24.82 -8.27 11.03
C PHE A 591 23.88 -9.13 10.20
N GLN A 592 22.58 -8.90 10.34
CA GLN A 592 21.54 -9.62 9.61
C GLN A 592 20.98 -8.75 8.50
N VAL A 593 20.86 -9.31 7.31
CA VAL A 593 20.45 -8.60 6.11
C VAL A 593 19.13 -9.15 5.59
N ALA A 594 18.41 -8.30 4.86
CA ALA A 594 17.16 -8.63 4.19
C ALA A 594 17.19 -7.99 2.81
N PHE A 595 16.68 -8.66 1.79
CA PHE A 595 16.83 -8.08 0.46
C PHE A 595 15.69 -8.50 -0.46
N SER A 596 15.49 -7.73 -1.53
CA SER A 596 14.54 -8.13 -2.56
C SER A 596 14.89 -7.45 -3.87
N ALA A 597 14.48 -8.10 -4.95
CA ALA A 597 14.50 -7.59 -6.31
C ALA A 597 13.07 -7.42 -6.81
N GLU A 598 12.91 -6.58 -7.82
CA GLU A 598 11.60 -6.31 -8.42
C GLU A 598 10.90 -7.57 -8.95
N ARG A 599 11.64 -8.45 -9.61
CA ARG A 599 11.04 -9.62 -10.23
C ARG A 599 10.75 -10.75 -9.24
N SER A 600 11.27 -10.66 -8.01
CA SER A 600 11.29 -11.79 -7.08
C SER A 600 9.91 -12.34 -6.78
N LEU A 601 8.92 -11.45 -6.63
CA LEU A 601 7.56 -11.85 -6.29
C LEU A 601 6.96 -12.68 -7.40
N GLU A 602 7.16 -12.24 -8.65
CA GLU A 602 6.66 -12.95 -9.82
C GLU A 602 7.22 -14.36 -9.87
N ASP A 603 8.50 -14.53 -9.54
CA ASP A 603 9.05 -15.86 -9.57
C ASP A 603 8.58 -16.67 -8.38
N GLU A 604 8.52 -16.03 -7.19
CA GLU A 604 8.38 -16.78 -5.95
C GLU A 604 7.05 -17.51 -5.86
N ILE A 605 5.97 -16.81 -6.26
CA ILE A 605 4.63 -17.38 -6.25
C ILE A 605 4.56 -18.55 -7.21
N ASN A 606 5.16 -18.40 -8.40
CA ASN A 606 5.11 -19.45 -9.41
C ASN A 606 5.79 -20.71 -8.92
N ARG A 607 6.89 -20.55 -8.15
CA ARG A 607 7.62 -21.70 -7.63
C ARG A 607 6.72 -22.54 -6.74
N THR A 608 5.91 -21.86 -5.92
CA THR A 608 5.01 -22.51 -4.98
C THR A 608 4.04 -23.42 -5.71
N THR A 609 3.50 -22.94 -6.84
CA THR A 609 2.53 -23.69 -7.62
C THR A 609 3.11 -25.01 -8.08
N ILE A 610 4.35 -24.97 -8.60
CA ILE A 610 5.01 -26.18 -9.08
C ILE A 610 5.19 -27.17 -7.95
N GLN A 611 5.56 -26.66 -6.76
CA GLN A 611 5.77 -27.47 -5.57
C GLN A 611 4.53 -28.28 -5.19
N ASP A 612 3.33 -27.75 -5.45
CA ASP A 612 2.13 -28.47 -5.05
C ASP A 612 1.46 -29.21 -6.19
N LEU A 613 2.08 -29.26 -7.37
CA LEU A 613 1.45 -30.04 -8.44
C LEU A 613 1.42 -31.56 -8.21
N PRO A 614 2.46 -32.25 -7.70
CA PRO A 614 2.30 -33.68 -7.44
C PRO A 614 1.29 -34.03 -6.36
N VAL A 615 1.05 -33.14 -5.39
CA VAL A 615 0.19 -33.47 -4.26
C VAL A 615 -1.24 -33.63 -4.72
N PHE A 616 -1.71 -32.68 -5.55
CA PHE A 616 -3.01 -32.78 -6.18
C PHE A 616 -3.13 -34.05 -6.99
N ALA A 617 -2.04 -34.43 -7.70
CA ALA A 617 -2.03 -35.65 -8.50
C ALA A 617 -2.29 -36.88 -7.64
N VAL A 618 -1.69 -36.93 -6.45
CA VAL A 618 -1.93 -38.03 -5.52
C VAL A 618 -3.40 -38.08 -5.14
N SER A 619 -3.98 -36.89 -4.91
CA SER A 619 -5.38 -36.75 -4.54
C SER A 619 -6.34 -37.29 -5.60
N TYR A 620 -5.90 -37.42 -6.87
CA TYR A 620 -6.89 -37.98 -7.78
C TYR A 620 -6.92 -39.49 -7.71
N ILE A 621 -5.75 -40.13 -7.51
CA ILE A 621 -5.71 -41.59 -7.63
C ILE A 621 -6.39 -42.25 -6.44
N ILE A 622 -6.35 -41.60 -5.28
CA ILE A 622 -7.02 -42.10 -4.08
C ILE A 622 -8.52 -42.21 -4.32
N VAL A 623 -9.09 -41.21 -5.02
CA VAL A 623 -10.51 -41.22 -5.36
C VAL A 623 -10.86 -42.47 -6.15
N PHE A 624 -9.98 -42.82 -7.11
CA PHE A 624 -10.11 -44.04 -7.90
C PHE A 624 -10.26 -45.27 -7.02
N LEU A 625 -9.39 -45.38 -6.01
CA LEU A 625 -9.37 -46.56 -5.15
C LEU A 625 -10.69 -46.71 -4.42
N TYR A 626 -11.26 -45.58 -3.95
CA TYR A 626 -12.55 -45.61 -3.26
C TYR A 626 -13.62 -46.23 -4.13
N ILE A 627 -13.68 -45.81 -5.40
CA ILE A 627 -14.71 -46.29 -6.32
C ILE A 627 -14.62 -47.80 -6.46
N SER A 628 -13.37 -48.30 -6.63
CA SER A 628 -13.14 -49.73 -6.80
C SER A 628 -13.62 -50.52 -5.60
N LEU A 629 -13.54 -49.94 -4.42
CA LEU A 629 -14.04 -50.66 -3.26
C LEU A 629 -15.53 -50.42 -3.06
N ALA A 630 -16.00 -49.18 -3.28
CA ALA A 630 -17.39 -48.84 -2.98
C ALA A 630 -18.38 -49.59 -3.87
N LEU A 631 -18.03 -49.78 -5.14
CA LEU A 631 -18.90 -50.45 -6.09
C LEU A 631 -18.58 -51.92 -6.23
N GLY A 632 -17.75 -52.46 -5.35
CA GLY A 632 -17.34 -53.84 -5.40
C GLY A 632 -18.20 -54.77 -4.56
N SER A 633 -17.63 -55.94 -4.27
CA SER A 633 -18.30 -56.99 -3.53
C SER A 633 -17.19 -57.88 -2.94
N TYR A 634 -17.61 -58.91 -2.20
CA TYR A 634 -16.66 -59.85 -1.61
C TYR A 634 -17.38 -61.16 -1.36
N SER A 635 -16.59 -62.21 -1.12
CA SER A 635 -17.12 -63.49 -0.67
C SER A 635 -16.34 -63.91 0.57
N ARG A 636 -16.93 -63.60 1.72
CA ARG A 636 -16.50 -63.79 3.11
C ARG A 636 -15.26 -63.00 3.53
N CYS A 637 -14.25 -62.86 2.65
CA CYS A 637 -13.02 -62.08 2.84
C CYS A 637 -12.13 -62.22 1.62
N SER A 638 -11.23 -61.23 1.45
CA SER A 638 -10.01 -61.26 0.64
C SER A 638 -10.16 -61.83 -0.77
N ARG A 639 -11.23 -61.43 -1.46
CA ARG A 639 -11.45 -61.85 -2.83
C ARG A 639 -11.54 -60.64 -3.75
N VAL A 640 -10.72 -59.63 -3.43
CA VAL A 640 -10.65 -58.38 -4.19
C VAL A 640 -10.28 -58.63 -5.65
N ALA A 641 -9.42 -59.63 -5.92
CA ALA A 641 -8.94 -59.96 -7.26
C ALA A 641 -10.05 -60.28 -8.28
N VAL A 642 -11.25 -60.64 -7.85
CA VAL A 642 -12.34 -60.99 -8.77
C VAL A 642 -13.45 -59.94 -8.75
N GLU A 643 -13.90 -59.52 -7.57
CA GLU A 643 -15.12 -58.72 -7.48
C GLU A 643 -14.90 -57.22 -7.57
N SER A 644 -13.72 -56.70 -7.18
CA SER A 644 -13.47 -55.26 -7.20
C SER A 644 -13.53 -54.70 -8.61
N LYS A 645 -14.22 -53.57 -8.76
CA LYS A 645 -14.49 -52.94 -10.05
C LYS A 645 -13.40 -51.94 -10.42
N ALA A 646 -12.19 -52.46 -10.65
CA ALA A 646 -11.07 -51.60 -11.06
C ALA A 646 -11.32 -50.95 -12.42
N THR A 647 -11.95 -51.71 -13.32
CA THR A 647 -12.24 -51.24 -14.68
C THR A 647 -13.12 -49.99 -14.66
N LEU A 648 -14.15 -49.98 -13.82
CA LEU A 648 -15.10 -48.86 -13.83
C LEU A 648 -14.48 -47.64 -13.18
N GLY A 649 -13.61 -47.85 -12.18
CA GLY A 649 -12.88 -46.74 -11.58
C GLY A 649 -11.97 -46.05 -12.58
N LEU A 650 -11.16 -46.84 -13.29
CA LEU A 650 -10.27 -46.28 -14.30
C LEU A 650 -11.05 -45.60 -15.41
N GLY A 651 -12.16 -46.20 -15.85
CA GLY A 651 -13.06 -45.65 -16.83
C GLY A 651 -13.58 -44.27 -16.47
N GLY A 652 -14.18 -44.16 -15.28
CA GLY A 652 -14.70 -42.89 -14.81
C GLY A 652 -13.64 -41.79 -14.71
N VAL A 653 -12.51 -42.12 -14.06
CA VAL A 653 -11.47 -41.12 -13.86
C VAL A 653 -10.89 -40.64 -15.20
N ILE A 654 -10.61 -41.59 -16.12
CA ILE A 654 -10.06 -41.22 -17.42
C ILE A 654 -11.06 -40.41 -18.25
N VAL A 655 -12.35 -40.78 -18.26
CA VAL A 655 -13.32 -40.03 -19.05
C VAL A 655 -13.47 -38.58 -18.54
N VAL A 656 -13.50 -38.39 -17.22
CA VAL A 656 -13.64 -37.02 -16.68
C VAL A 656 -12.40 -36.19 -16.99
N LEU A 657 -11.20 -36.74 -16.75
CA LEU A 657 -9.98 -35.98 -17.01
C LEU A 657 -9.78 -35.72 -18.51
N GLY A 658 -10.23 -36.66 -19.35
CA GLY A 658 -10.23 -36.44 -20.79
C GLY A 658 -11.09 -35.25 -21.18
N ALA A 659 -12.30 -35.17 -20.60
CA ALA A 659 -13.18 -34.04 -20.87
C ALA A 659 -12.54 -32.71 -20.45
N VAL A 660 -11.82 -32.71 -19.33
CA VAL A 660 -11.14 -31.50 -18.84
C VAL A 660 -10.05 -31.06 -19.82
N LEU A 661 -9.22 -32.02 -20.26
CA LEU A 661 -8.17 -31.72 -21.22
C LEU A 661 -8.74 -31.26 -22.56
N ALA A 662 -9.86 -31.84 -22.97
CA ALA A 662 -10.51 -31.41 -24.21
C ALA A 662 -10.99 -29.97 -24.13
N ALA A 663 -11.57 -29.58 -22.99
CA ALA A 663 -12.00 -28.19 -22.82
C ALA A 663 -10.83 -27.21 -22.86
N MET A 664 -9.72 -27.57 -22.19
CA MET A 664 -8.53 -26.72 -22.22
C MET A 664 -7.96 -26.61 -23.63
N GLY A 665 -7.92 -27.72 -24.36
CA GLY A 665 -7.44 -27.70 -25.74
C GLY A 665 -8.29 -26.84 -26.66
N PHE A 666 -9.61 -26.94 -26.55
CA PHE A 666 -10.52 -26.10 -27.33
C PHE A 666 -10.28 -24.61 -27.09
N TYR A 667 -10.21 -24.22 -25.81
CA TYR A 667 -9.93 -22.81 -25.51
C TYR A 667 -8.55 -22.38 -26.00
N SER A 668 -7.56 -23.28 -25.96
CA SER A 668 -6.25 -22.97 -26.54
C SER A 668 -6.35 -22.75 -28.05
N TYR A 669 -7.18 -23.54 -28.74
CA TYR A 669 -7.43 -23.32 -30.16
C TYR A 669 -8.04 -21.96 -30.42
N LEU A 670 -9.01 -21.55 -29.59
CA LEU A 670 -9.67 -20.27 -29.78
C LEU A 670 -8.71 -19.09 -29.60
N GLY A 671 -7.75 -19.21 -28.68
CA GLY A 671 -6.78 -18.15 -28.47
C GLY A 671 -6.81 -17.44 -27.14
N VAL A 672 -7.48 -18.03 -26.15
CA VAL A 672 -7.57 -17.45 -24.81
C VAL A 672 -6.39 -17.90 -23.98
N PRO A 673 -5.65 -17.00 -23.33
CA PRO A 673 -4.53 -17.42 -22.48
C PRO A 673 -5.01 -18.04 -21.18
N SER A 674 -4.10 -18.75 -20.53
CA SER A 674 -4.40 -19.39 -19.25
C SER A 674 -3.28 -19.15 -18.25
N SER A 675 -3.30 -19.85 -17.12
CA SER A 675 -2.32 -19.65 -16.07
C SER A 675 -2.14 -20.93 -15.28
N LEU A 676 -1.08 -20.96 -14.47
CA LEU A 676 -0.76 -22.14 -13.67
C LEU A 676 -1.83 -22.45 -12.62
N VAL A 677 -2.49 -21.42 -12.09
CA VAL A 677 -3.54 -21.61 -11.09
C VAL A 677 -4.71 -22.39 -11.68
N ILE A 678 -5.08 -22.07 -12.92
CA ILE A 678 -6.19 -22.74 -13.60
C ILE A 678 -5.90 -24.22 -13.80
N ILE A 679 -4.69 -24.53 -14.25
CA ILE A 679 -4.23 -25.90 -14.41
C ILE A 679 -4.25 -26.63 -13.08
N GLN A 680 -3.79 -25.94 -12.02
CA GLN A 680 -3.74 -26.52 -10.69
C GLN A 680 -5.11 -26.90 -10.13
N VAL A 681 -6.13 -26.05 -10.29
CA VAL A 681 -7.36 -26.25 -9.53
C VAL A 681 -8.60 -26.62 -10.36
N VAL A 682 -8.58 -26.51 -11.69
CA VAL A 682 -9.78 -26.89 -12.46
C VAL A 682 -10.10 -28.39 -12.44
N PRO A 683 -9.17 -29.34 -12.73
CA PRO A 683 -9.55 -30.78 -12.71
C PRO A 683 -10.13 -31.29 -11.40
N PHE A 684 -9.64 -30.78 -10.27
CA PHE A 684 -10.14 -31.17 -8.96
C PHE A 684 -11.61 -30.80 -8.78
N LEU A 685 -11.93 -29.51 -8.98
CA LEU A 685 -13.29 -29.02 -8.82
C LEU A 685 -14.25 -29.67 -9.82
N VAL A 686 -13.77 -29.97 -11.02
CA VAL A 686 -14.63 -30.64 -12.00
C VAL A 686 -14.90 -32.09 -11.61
N LEU A 687 -13.86 -32.83 -11.21
CA LEU A 687 -14.00 -34.23 -10.82
C LEU A 687 -14.92 -34.40 -9.63
N ALA A 688 -14.84 -33.47 -8.65
CA ALA A 688 -15.64 -33.52 -7.43
C ALA A 688 -17.15 -33.53 -7.67
N VAL A 689 -17.61 -33.11 -8.85
CA VAL A 689 -19.01 -33.16 -9.21
C VAL A 689 -19.27 -34.21 -10.29
N GLY A 690 -18.40 -34.28 -11.31
CA GLY A 690 -18.58 -35.21 -12.41
C GLY A 690 -18.60 -36.69 -12.03
N ALA A 691 -17.80 -37.09 -11.02
CA ALA A 691 -17.76 -38.50 -10.62
C ALA A 691 -19.08 -39.04 -10.06
N ASP A 692 -19.94 -38.17 -9.57
CA ASP A 692 -21.11 -38.62 -8.80
C ASP A 692 -22.23 -39.15 -9.68
N ASN A 693 -22.34 -38.66 -10.91
CA ASN A 693 -23.33 -39.19 -11.84
C ASN A 693 -22.98 -40.63 -12.22
N ILE A 694 -21.68 -40.89 -12.37
CA ILE A 694 -21.18 -42.21 -12.71
C ILE A 694 -21.45 -43.18 -11.58
N PHE A 695 -21.11 -42.78 -10.35
CA PHE A 695 -21.32 -43.62 -9.17
C PHE A 695 -22.80 -43.97 -9.00
N ILE A 696 -23.69 -42.97 -9.10
CA ILE A 696 -25.12 -43.20 -8.93
C ILE A 696 -25.67 -44.14 -10.01
N PHE A 697 -25.27 -43.92 -11.26
CA PHE A 697 -25.69 -44.79 -12.36
C PHE A 697 -25.29 -46.25 -12.14
N VAL A 698 -24.03 -46.49 -11.77
CA VAL A 698 -23.56 -47.86 -11.53
C VAL A 698 -24.31 -48.51 -10.37
N LEU A 699 -24.50 -47.75 -9.28
CA LEU A 699 -25.23 -48.28 -8.11
C LEU A 699 -26.67 -48.66 -8.46
N GLU A 700 -27.34 -47.82 -9.26
CA GLU A 700 -28.69 -48.12 -9.72
C GLU A 700 -28.73 -49.37 -10.59
N TYR A 701 -27.73 -49.53 -11.47
CA TYR A 701 -27.62 -50.73 -12.29
C TYR A 701 -27.50 -51.99 -11.44
N GLN A 702 -26.64 -51.96 -10.43
CA GLN A 702 -26.49 -53.12 -9.55
C GLN A 702 -27.75 -53.42 -8.76
N ARG A 703 -28.46 -52.40 -8.29
CA ARG A 703 -29.67 -52.65 -7.49
C ARG A 703 -30.81 -53.28 -8.30
N LEU A 704 -30.94 -52.95 -9.57
CA LEU A 704 -32.10 -53.36 -10.36
C LEU A 704 -31.98 -54.79 -10.87
N PRO A 705 -32.86 -55.71 -10.45
CA PRO A 705 -32.82 -57.09 -10.97
C PRO A 705 -33.47 -57.15 -12.35
N ARG A 706 -33.26 -58.28 -13.02
CA ARG A 706 -33.91 -58.54 -14.30
C ARG A 706 -34.65 -59.88 -14.27
N MET A 707 -35.76 -59.95 -15.08
CA MET A 707 -36.54 -61.17 -15.20
C MET A 707 -35.95 -62.08 -16.28
N PRO A 708 -36.17 -63.40 -16.17
CA PRO A 708 -35.70 -64.32 -17.22
C PRO A 708 -36.22 -63.97 -18.61
N GLY A 709 -35.32 -64.06 -19.59
CA GLY A 709 -35.61 -63.74 -20.96
C GLY A 709 -35.01 -62.41 -21.41
N GLU A 710 -34.87 -61.47 -20.48
CA GLU A 710 -34.31 -60.16 -20.81
C GLU A 710 -32.81 -60.26 -21.06
N GLN A 711 -32.34 -59.54 -22.08
CA GLN A 711 -30.93 -59.48 -22.36
C GLN A 711 -30.35 -58.25 -21.67
N ARG A 712 -29.03 -58.25 -21.47
CA ARG A 712 -28.36 -57.18 -20.73
C ARG A 712 -28.52 -55.82 -21.40
N GLU A 713 -28.68 -55.79 -22.73
CA GLU A 713 -28.84 -54.52 -23.44
C GLU A 713 -30.16 -53.85 -23.09
N ALA A 714 -31.24 -54.63 -23.02
CA ALA A 714 -32.54 -54.08 -22.60
C ALA A 714 -32.49 -53.62 -21.15
N HIS A 715 -31.76 -54.36 -20.30
CA HIS A 715 -31.61 -53.99 -18.89
C HIS A 715 -30.88 -52.66 -18.74
N ILE A 716 -29.76 -52.50 -19.44
CA ILE A 716 -28.99 -51.25 -19.44
C ILE A 716 -29.82 -50.10 -19.98
N GLY A 717 -30.56 -50.35 -21.08
CA GLY A 717 -31.47 -49.35 -21.63
C GLY A 717 -32.49 -48.87 -20.62
N ARG A 718 -33.16 -49.81 -19.95
CA ARG A 718 -34.15 -49.49 -18.92
C ARG A 718 -33.53 -48.71 -17.75
N THR A 719 -32.30 -49.07 -17.36
CA THR A 719 -31.60 -48.35 -16.30
C THR A 719 -31.33 -46.89 -16.68
N LEU A 720 -30.84 -46.67 -17.91
CA LEU A 720 -30.63 -45.30 -18.39
C LEU A 720 -31.95 -44.55 -18.49
N GLY A 721 -33.02 -45.21 -18.92
CA GLY A 721 -34.33 -44.60 -18.90
C GLY A 721 -34.77 -44.20 -17.50
N SER A 722 -34.37 -44.97 -16.50
CA SER A 722 -34.72 -44.65 -15.12
C SER A 722 -33.98 -43.42 -14.61
N VAL A 723 -32.67 -43.32 -14.83
CA VAL A 723 -31.89 -42.28 -14.15
C VAL A 723 -31.40 -41.13 -15.02
N ALA A 724 -31.52 -41.19 -16.34
CA ALA A 724 -31.02 -40.09 -17.17
C ALA A 724 -31.63 -38.70 -16.98
N PRO A 725 -32.95 -38.50 -16.73
CA PRO A 725 -33.43 -37.11 -16.51
C PRO A 725 -32.85 -36.41 -15.29
N SER A 726 -32.40 -37.14 -14.27
CA SER A 726 -31.83 -36.48 -13.10
C SER A 726 -30.45 -35.94 -13.41
N MET A 727 -29.64 -36.76 -14.11
CA MET A 727 -28.32 -36.34 -14.54
C MET A 727 -28.42 -35.17 -15.51
N LEU A 728 -29.43 -35.19 -16.38
CA LEU A 728 -29.63 -34.09 -17.33
C LEU A 728 -29.96 -32.79 -16.62
N LEU A 729 -30.92 -32.83 -15.69
CA LEU A 729 -31.32 -31.64 -14.94
C LEU A 729 -30.14 -31.06 -14.14
N CYS A 730 -29.41 -31.92 -13.43
CA CYS A 730 -28.28 -31.46 -12.64
C CYS A 730 -27.17 -30.88 -13.50
N SER A 731 -26.88 -31.53 -14.63
CA SER A 731 -25.86 -31.04 -15.56
C SER A 731 -26.21 -29.67 -16.11
N LEU A 732 -27.46 -29.47 -16.52
CA LEU A 732 -27.87 -28.17 -17.06
C LEU A 732 -27.79 -27.07 -16.00
N SER A 733 -28.22 -27.37 -14.77
CA SER A 733 -28.17 -26.36 -13.70
C SER A 733 -26.73 -25.96 -13.40
N GLU A 734 -25.84 -26.95 -13.25
CA GLU A 734 -24.44 -26.69 -12.96
C GLU A 734 -23.76 -25.90 -14.08
N ALA A 735 -23.92 -26.34 -15.34
CA ALA A 735 -23.26 -25.67 -16.46
C ALA A 735 -23.74 -24.24 -16.66
N ILE A 736 -25.05 -23.99 -16.53
CA ILE A 736 -25.55 -22.63 -16.67
C ILE A 736 -25.03 -21.74 -15.53
N CYS A 737 -25.00 -22.25 -14.30
CA CYS A 737 -24.46 -21.48 -13.18
C CYS A 737 -22.98 -21.12 -13.39
N PHE A 738 -22.18 -22.07 -13.87
CA PHE A 738 -20.77 -21.78 -14.15
C PHE A 738 -20.60 -20.76 -15.27
N PHE A 739 -21.39 -20.85 -16.33
CA PHE A 739 -21.30 -19.85 -17.40
C PHE A 739 -21.72 -18.47 -16.93
N LEU A 740 -22.74 -18.38 -16.08
CA LEU A 740 -23.10 -17.08 -15.50
C LEU A 740 -22.01 -16.54 -14.59
N GLY A 741 -21.17 -17.42 -14.02
CA GLY A 741 -20.02 -16.97 -13.24
C GLY A 741 -19.06 -16.06 -14.00
N ALA A 742 -18.98 -16.22 -15.32
CA ALA A 742 -18.03 -15.46 -16.15
C ALA A 742 -18.51 -14.04 -16.47
N LEU A 743 -18.73 -13.25 -15.42
CA LEU A 743 -19.05 -11.84 -15.61
C LEU A 743 -18.06 -10.90 -14.96
N THR A 744 -17.40 -11.32 -13.87
CA THR A 744 -16.41 -10.48 -13.21
C THR A 744 -15.23 -10.24 -14.15
N PRO A 745 -14.75 -8.99 -14.26
CA PRO A 745 -13.70 -8.67 -15.24
C PRO A 745 -12.35 -9.33 -15.00
N MET A 746 -12.07 -9.88 -13.82
CA MET A 746 -10.75 -10.42 -13.51
C MET A 746 -10.44 -11.65 -14.36
N PRO A 747 -9.35 -11.62 -15.16
CA PRO A 747 -9.02 -12.73 -16.07
C PRO A 747 -8.99 -14.14 -15.48
N ALA A 748 -8.45 -14.31 -14.26
CA ALA A 748 -8.40 -15.64 -13.64
C ALA A 748 -9.80 -16.23 -13.45
N VAL A 749 -10.75 -15.40 -13.03
CA VAL A 749 -12.09 -15.90 -12.71
C VAL A 749 -12.86 -16.17 -14.00
N ARG A 750 -12.76 -15.25 -14.97
CA ARG A 750 -13.40 -15.43 -16.27
C ARG A 750 -12.90 -16.70 -16.97
N THR A 751 -11.58 -16.92 -16.96
CA THR A 751 -11.00 -18.12 -17.56
C THR A 751 -11.47 -19.39 -16.86
N PHE A 752 -11.45 -19.37 -15.52
CA PHE A 752 -11.96 -20.48 -14.71
C PHE A 752 -13.40 -20.83 -15.05
N ALA A 753 -14.28 -19.82 -15.04
CA ALA A 753 -15.70 -20.05 -15.27
C ALA A 753 -15.97 -20.61 -16.66
N LEU A 754 -15.29 -20.08 -17.69
CA LEU A 754 -15.56 -20.58 -19.04
C LEU A 754 -15.03 -21.99 -19.23
N THR A 755 -13.85 -22.30 -18.68
CA THR A 755 -13.30 -23.65 -18.79
C THR A 755 -14.16 -24.68 -18.07
N SER A 756 -14.61 -24.36 -16.84
CA SER A 756 -15.45 -25.27 -16.08
C SER A 756 -16.81 -25.48 -16.77
N GLY A 757 -17.38 -24.39 -17.31
CA GLY A 757 -18.66 -24.48 -17.98
C GLY A 757 -18.63 -25.38 -19.20
N LEU A 758 -17.60 -25.26 -20.03
CA LEU A 758 -17.50 -26.15 -21.19
C LEU A 758 -17.18 -27.59 -20.77
N ALA A 759 -16.30 -27.76 -19.77
CA ALA A 759 -15.86 -29.08 -19.34
C ALA A 759 -17.00 -29.92 -18.81
N ILE A 760 -17.93 -29.31 -18.06
CA ILE A 760 -19.06 -30.06 -17.52
C ILE A 760 -19.97 -30.59 -18.63
N ILE A 761 -20.21 -29.80 -19.67
CA ILE A 761 -21.07 -30.22 -20.78
C ILE A 761 -20.42 -31.38 -21.53
N LEU A 762 -19.12 -31.27 -21.82
CA LEU A 762 -18.43 -32.37 -22.48
C LEU A 762 -18.39 -33.63 -21.63
N ASP A 763 -18.19 -33.47 -20.32
CA ASP A 763 -18.29 -34.57 -19.36
C ASP A 763 -19.62 -35.30 -19.48
N PHE A 764 -20.73 -34.53 -19.46
CA PHE A 764 -22.06 -35.13 -19.62
C PHE A 764 -22.20 -35.90 -20.92
N LEU A 765 -21.79 -35.31 -22.04
CA LEU A 765 -21.92 -35.99 -23.33
C LEU A 765 -21.08 -37.26 -23.38
N LEU A 766 -19.89 -37.25 -22.79
CA LEU A 766 -19.07 -38.46 -22.75
C LEU A 766 -19.69 -39.54 -21.86
N GLN A 767 -20.28 -39.16 -20.72
CA GLN A 767 -20.87 -40.16 -19.83
C GLN A 767 -22.03 -40.91 -20.47
N MET A 768 -22.81 -40.26 -21.32
CA MET A 768 -23.96 -40.95 -21.90
C MET A 768 -23.58 -41.80 -23.10
N THR A 769 -22.31 -41.85 -23.51
CA THR A 769 -21.91 -42.66 -24.66
C THR A 769 -20.81 -43.66 -24.29
N ALA A 770 -19.59 -43.19 -24.05
CA ALA A 770 -18.44 -44.08 -23.82
C ALA A 770 -18.59 -44.91 -22.55
N PHE A 771 -19.10 -44.30 -21.47
CA PHE A 771 -19.23 -45.03 -20.21
C PHE A 771 -20.25 -46.16 -20.31
N VAL A 772 -21.37 -45.91 -20.99
CA VAL A 772 -22.41 -46.93 -21.17
C VAL A 772 -21.84 -48.13 -21.91
N ALA A 773 -21.07 -47.87 -22.98
CA ALA A 773 -20.42 -48.92 -23.75
C ALA A 773 -19.42 -49.72 -22.89
N LEU A 774 -18.64 -49.02 -22.06
CA LEU A 774 -17.68 -49.70 -21.20
C LEU A 774 -18.39 -50.56 -20.17
N LEU A 775 -19.48 -50.05 -19.58
CA LEU A 775 -20.26 -50.82 -18.63
C LEU A 775 -20.87 -52.07 -19.28
N SER A 776 -21.33 -51.94 -20.53
CA SER A 776 -21.87 -53.09 -21.27
C SER A 776 -20.81 -54.18 -21.44
N LEU A 777 -19.59 -53.78 -21.85
CA LEU A 777 -18.51 -54.75 -21.98
C LEU A 777 -18.12 -55.36 -20.64
N ASP A 778 -18.17 -54.56 -19.57
CA ASP A 778 -17.86 -55.08 -18.23
C ASP A 778 -18.88 -56.13 -17.80
N SER A 779 -20.17 -55.86 -18.03
CA SER A 779 -21.21 -56.84 -17.72
C SER A 779 -21.05 -58.11 -18.54
N LYS A 780 -20.70 -57.97 -19.83
CA LYS A 780 -20.38 -59.10 -20.70
C LYS A 780 -19.26 -59.96 -20.11
N ARG A 781 -18.18 -59.32 -19.68
CA ARG A 781 -17.08 -60.05 -19.05
C ARG A 781 -17.51 -60.69 -17.72
N GLN A 782 -18.39 -60.01 -16.97
CA GLN A 782 -18.82 -60.51 -15.67
C GLN A 782 -19.70 -61.75 -15.79
N GLU A 783 -20.64 -61.77 -16.75
CA GLU A 783 -21.53 -62.92 -16.91
C GLU A 783 -20.77 -64.20 -17.29
N ALA A 784 -19.67 -64.08 -18.01
CA ALA A 784 -18.87 -65.23 -18.43
C ALA A 784 -17.98 -65.79 -17.32
N SER A 785 -18.03 -65.21 -16.11
CA SER A 785 -17.24 -65.60 -14.93
C SER A 785 -15.74 -65.58 -15.22
N ARG A 786 -15.28 -64.50 -15.84
CA ARG A 786 -13.88 -64.25 -16.09
C ARG A 786 -13.38 -63.16 -15.15
N PRO A 787 -12.15 -63.24 -14.68
CA PRO A 787 -11.62 -62.16 -13.84
C PRO A 787 -11.31 -60.93 -14.67
N ASP A 788 -11.40 -59.77 -14.02
CA ASP A 788 -10.94 -58.51 -14.59
C ASP A 788 -9.47 -58.59 -14.99
N VAL A 789 -9.12 -57.90 -16.09
CA VAL A 789 -7.79 -57.88 -16.69
C VAL A 789 -6.65 -57.51 -15.74
N LEU A 790 -7.00 -56.94 -14.57
CA LEU A 790 -6.06 -56.65 -13.48
C LEU A 790 -5.13 -57.83 -13.18
N CYS A 791 -5.70 -59.04 -13.11
CA CYS A 791 -5.08 -60.33 -12.77
C CYS A 791 -6.17 -61.39 -12.69
N LYS A 802 -24.81 -64.33 -5.01
CA LYS A 802 -26.09 -64.00 -4.37
C LYS A 802 -26.29 -62.50 -4.21
N GLU A 803 -27.45 -62.02 -4.69
CA GLU A 803 -27.83 -60.61 -4.62
C GLU A 803 -28.36 -60.29 -3.22
N LYS A 804 -27.45 -60.26 -2.25
CA LYS A 804 -27.86 -59.96 -0.89
C LYS A 804 -28.07 -58.46 -0.73
N GLU A 805 -29.00 -58.11 0.16
CA GLU A 805 -29.25 -56.71 0.48
C GLU A 805 -28.01 -56.06 1.10
N GLY A 806 -27.65 -54.89 0.58
CA GLY A 806 -26.51 -54.16 1.10
C GLY A 806 -26.76 -53.58 2.47
N LEU A 807 -25.66 -53.33 3.18
CA LEU A 807 -25.73 -52.77 4.53
C LEU A 807 -26.34 -51.38 4.54
N LEU A 808 -26.11 -50.58 3.49
CA LEU A 808 -26.67 -49.24 3.43
C LEU A 808 -28.19 -49.25 3.36
N LEU A 809 -28.76 -50.13 2.53
CA LEU A 809 -30.21 -50.21 2.41
C LEU A 809 -30.86 -50.70 3.69
N ARG A 810 -30.25 -51.70 4.33
CA ARG A 810 -30.75 -52.23 5.59
C ARG A 810 -30.68 -51.18 6.70
N PHE A 811 -29.54 -50.48 6.79
CA PHE A 811 -29.34 -49.45 7.80
C PHE A 811 -30.33 -48.30 7.64
N PHE A 812 -30.46 -47.76 6.42
CA PHE A 812 -31.38 -46.65 6.19
C PHE A 812 -32.83 -47.09 6.36
N ARG A 813 -33.18 -48.28 5.87
CA ARG A 813 -34.53 -48.81 5.98
C ARG A 813 -34.96 -49.02 7.43
N LYS A 814 -34.10 -49.63 8.25
CA LYS A 814 -34.52 -50.04 9.58
C LYS A 814 -34.15 -49.07 10.69
N ILE A 815 -33.09 -48.29 10.55
CA ILE A 815 -32.59 -47.47 11.65
C ILE A 815 -32.81 -45.98 11.39
N TYR A 816 -32.31 -45.46 10.27
CA TYR A 816 -32.29 -44.02 10.04
C TYR A 816 -33.68 -43.46 9.76
N ALA A 817 -34.35 -43.97 8.73
CA ALA A 817 -35.64 -43.42 8.31
C ALA A 817 -36.77 -43.53 9.34
N PRO A 818 -36.99 -44.65 10.07
CA PRO A 818 -38.02 -44.60 11.14
C PRO A 818 -37.71 -43.64 12.28
N PHE A 819 -36.47 -43.19 12.40
CA PHE A 819 -36.02 -42.32 13.48
C PHE A 819 -36.19 -40.85 13.10
N LEU A 820 -35.62 -40.45 11.97
CA LEU A 820 -35.68 -39.06 11.51
C LEU A 820 -37.11 -38.58 11.29
N LEU A 821 -37.98 -39.45 10.79
CA LEU A 821 -39.35 -39.10 10.45
C LEU A 821 -40.32 -39.27 11.61
N HIS A 822 -39.82 -39.53 12.82
CA HIS A 822 -40.67 -39.72 13.99
C HIS A 822 -41.45 -38.44 14.30
N ARG A 823 -42.69 -38.62 14.77
CA ARG A 823 -43.61 -37.52 15.08
C ARG A 823 -43.08 -36.52 16.11
N PHE A 824 -42.14 -36.91 16.96
CA PHE A 824 -41.61 -36.02 17.98
C PHE A 824 -40.26 -35.42 17.60
N ILE A 825 -39.82 -35.55 16.35
CA ILE A 825 -38.51 -35.10 15.92
C ILE A 825 -38.59 -33.88 15.00
N ARG A 826 -39.46 -33.95 13.97
CA ARG A 826 -39.57 -32.96 12.90
C ARG A 826 -39.64 -31.49 13.30
N PRO A 827 -40.49 -31.03 14.26
CA PRO A 827 -40.46 -29.60 14.61
C PRO A 827 -39.16 -29.16 15.28
N VAL A 828 -38.42 -30.09 15.90
CA VAL A 828 -37.18 -29.72 16.58
C VAL A 828 -36.09 -29.41 15.57
N VAL A 829 -35.94 -30.29 14.57
CA VAL A 829 -34.97 -30.04 13.50
C VAL A 829 -35.35 -28.78 12.70
N MET A 830 -36.65 -28.57 12.44
CA MET A 830 -37.07 -27.36 11.72
C MET A 830 -36.71 -26.09 12.47
N LEU A 831 -36.98 -26.05 13.78
CA LEU A 831 -36.63 -24.88 14.58
C LEU A 831 -35.11 -24.70 14.68
N LEU A 832 -34.37 -25.81 14.83
CA LEU A 832 -32.92 -25.72 14.96
C LEU A 832 -32.28 -25.16 13.68
N PHE A 833 -32.72 -25.62 12.52
CA PHE A 833 -32.14 -25.14 11.27
C PHE A 833 -32.54 -23.70 10.98
N LEU A 834 -33.79 -23.31 11.28
CA LEU A 834 -34.18 -21.92 11.09
C LEU A 834 -33.42 -20.97 12.02
N THR A 835 -33.17 -21.40 13.27
CA THR A 835 -32.36 -20.58 14.18
C THR A 835 -30.92 -20.44 13.68
N LEU A 836 -30.34 -21.54 13.19
CA LEU A 836 -29.00 -21.51 12.62
C LEU A 836 -28.92 -20.52 11.46
N PHE A 837 -29.91 -20.58 10.56
CA PHE A 837 -29.99 -19.64 9.44
C PHE A 837 -30.06 -18.19 9.92
N GLY A 838 -30.93 -17.91 10.90
CA GLY A 838 -31.02 -16.56 11.45
C GLY A 838 -29.71 -16.04 12.04
N ALA A 839 -29.06 -16.87 12.87
CA ALA A 839 -27.79 -16.50 13.48
C ALA A 839 -26.71 -16.23 12.44
N ASN A 840 -26.65 -17.07 11.39
CA ASN A 840 -25.66 -16.86 10.35
C ASN A 840 -25.99 -15.63 9.51
N LEU A 841 -27.27 -15.34 9.33
CA LEU A 841 -27.71 -14.13 8.64
C LEU A 841 -27.23 -12.88 9.37
N TYR A 842 -27.31 -12.90 10.70
CA TYR A 842 -26.68 -11.82 11.47
C TYR A 842 -25.17 -11.78 11.30
N LEU A 843 -24.50 -12.92 11.51
CA LEU A 843 -23.04 -12.98 11.54
C LEU A 843 -22.38 -12.59 10.22
N MET A 844 -23.05 -12.81 9.08
CA MET A 844 -22.48 -12.55 7.76
C MET A 844 -22.09 -11.10 7.49
N CYS A 845 -22.42 -10.15 8.36
CA CYS A 845 -21.99 -8.77 8.16
C CYS A 845 -20.53 -8.53 8.53
N ASN A 846 -19.95 -9.34 9.40
CA ASN A 846 -18.59 -9.13 9.89
C ASN A 846 -17.55 -9.81 8.99
N ILE A 847 -17.37 -9.24 7.80
CA ILE A 847 -16.51 -9.81 6.77
C ILE A 847 -15.24 -8.98 6.63
N ASN A 848 -14.09 -9.64 6.71
CA ASN A 848 -12.82 -9.01 6.40
C ASN A 848 -12.62 -9.06 4.90
N VAL A 849 -12.27 -7.93 4.29
CA VAL A 849 -12.14 -7.84 2.84
C VAL A 849 -10.70 -7.48 2.50
N GLY A 850 -10.09 -8.23 1.61
CA GLY A 850 -8.76 -7.95 1.13
C GLY A 850 -7.88 -9.18 1.02
N LEU A 851 -6.89 -9.11 0.13
CA LEU A 851 -5.93 -10.18 -0.08
C LEU A 851 -4.55 -9.67 0.30
N ASP A 852 -3.88 -10.38 1.20
CA ASP A 852 -2.54 -10.04 1.66
C ASP A 852 -1.53 -10.97 1.01
N GLN A 853 -0.43 -10.39 0.52
CA GLN A 853 0.60 -11.14 -0.19
C GLN A 853 1.27 -12.20 0.68
N GLU A 854 1.33 -11.96 1.99
CA GLU A 854 2.04 -12.81 2.96
C GLU A 854 1.62 -14.28 2.88
N LEU A 855 0.33 -14.53 2.60
CA LEU A 855 -0.17 -15.89 2.48
C LEU A 855 0.44 -16.61 1.27
N ALA A 856 0.52 -15.93 0.12
CA ALA A 856 0.94 -16.53 -1.14
C ALA A 856 2.38 -17.05 -1.21
N LEU A 857 3.15 -16.89 -0.18
CA LEU A 857 4.54 -17.26 -0.15
C LEU A 857 4.74 -18.58 0.57
N PRO A 858 5.79 -19.33 0.21
CA PRO A 858 6.17 -20.51 1.00
C PRO A 858 6.56 -20.14 2.41
N LYS A 859 6.37 -21.08 3.33
CA LYS A 859 6.73 -20.96 4.75
C LYS A 859 8.20 -20.61 5.02
N ASP A 860 9.11 -20.70 4.04
CA ASP A 860 10.52 -20.42 4.28
C ASP A 860 11.16 -19.42 3.31
N SER A 861 10.38 -18.71 2.51
CA SER A 861 10.92 -17.73 1.58
C SER A 861 11.58 -16.56 2.30
N TYR A 862 12.67 -16.04 1.70
CA TYR A 862 13.35 -14.85 2.19
C TYR A 862 12.49 -13.59 2.14
N LEU A 863 11.45 -13.58 1.31
CA LEU A 863 10.57 -12.42 1.22
C LEU A 863 9.80 -12.18 2.49
N ILE A 864 9.61 -13.21 3.32
CA ILE A 864 8.94 -13.04 4.62
C ILE A 864 9.77 -12.13 5.50
N ASP A 865 11.08 -12.40 5.58
CA ASP A 865 11.99 -11.54 6.33
C ASP A 865 12.05 -10.14 5.73
N TYR A 866 12.05 -10.04 4.39
CA TYR A 866 12.03 -8.73 3.74
C TYR A 866 10.80 -7.90 4.13
N PHE A 867 9.61 -8.50 4.07
CA PHE A 867 8.39 -7.78 4.44
C PHE A 867 8.39 -7.41 5.92
N LEU A 868 8.89 -8.28 6.79
CA LEU A 868 8.97 -7.93 8.21
C LEU A 868 9.91 -6.76 8.46
N PHE A 869 11.04 -6.72 7.75
CA PHE A 869 11.94 -5.57 7.85
C PHE A 869 11.30 -4.29 7.33
N LEU A 870 10.56 -4.36 6.23
CA LEU A 870 9.85 -3.16 5.75
C LEU A 870 8.83 -2.67 6.77
N ASN A 871 8.09 -3.61 7.36
CA ASN A 871 7.07 -3.22 8.32
C ASN A 871 7.66 -2.61 9.59
N ARG A 872 8.86 -3.03 10.00
CA ARG A 872 9.38 -2.41 11.21
C ARG A 872 10.27 -1.20 10.98
N TYR A 873 11.02 -1.10 9.87
CA TYR A 873 12.05 -0.07 9.82
C TYR A 873 11.85 1.05 8.80
N LEU A 874 11.00 0.88 7.78
CA LEU A 874 10.91 1.93 6.77
C LEU A 874 9.97 3.03 7.25
N GLU A 875 10.42 4.28 7.13
CA GLU A 875 9.71 5.44 7.66
C GLU A 875 8.68 6.07 6.73
N VAL A 876 8.75 5.85 5.41
CA VAL A 876 7.78 6.45 4.51
C VAL A 876 7.15 5.38 3.64
N GLY A 877 6.02 5.72 3.04
CA GLY A 877 5.31 4.85 2.14
C GLY A 877 5.67 5.10 0.70
N PRO A 878 4.83 4.58 -0.22
CA PRO A 878 5.08 4.81 -1.63
C PRO A 878 4.91 6.27 -2.00
N PRO A 879 5.57 6.73 -3.05
CA PRO A 879 5.31 8.10 -3.53
C PRO A 879 3.98 8.17 -4.24
N VAL A 880 3.42 9.38 -4.28
CA VAL A 880 2.20 9.67 -5.00
C VAL A 880 2.44 10.91 -5.83
N TYR A 881 1.84 10.95 -7.02
CA TYR A 881 1.97 12.11 -7.91
C TYR A 881 0.58 12.66 -8.16
N PHE A 882 0.43 13.97 -8.03
CA PHE A 882 -0.80 14.66 -8.39
C PHE A 882 -0.56 15.23 -9.78
N VAL A 883 -1.10 14.56 -10.79
CA VAL A 883 -0.84 14.89 -12.18
C VAL A 883 -1.91 15.85 -12.66
N THR A 884 -1.48 16.93 -13.30
CA THR A 884 -2.32 17.98 -13.85
C THR A 884 -2.36 17.82 -15.36
N THR A 885 -3.57 17.69 -15.91
CA THR A 885 -3.82 17.54 -17.33
C THR A 885 -3.80 18.90 -18.04
N SER A 886 -3.99 18.87 -19.36
CA SER A 886 -4.05 20.09 -20.14
C SER A 886 -5.35 20.86 -19.87
N GLY A 887 -5.37 22.11 -20.33
CA GLY A 887 -6.52 22.97 -20.17
C GLY A 887 -6.37 24.07 -19.13
N PHE A 888 -5.17 24.35 -18.65
CA PHE A 888 -4.96 25.35 -17.63
C PHE A 888 -3.85 26.29 -18.09
N ASN A 889 -4.10 27.59 -17.96
CA ASN A 889 -3.18 28.64 -18.39
C ASN A 889 -2.26 28.98 -17.22
N PHE A 890 -1.01 28.52 -17.27
CA PHE A 890 -0.04 28.89 -16.25
C PHE A 890 0.71 30.17 -16.57
N SER A 891 0.50 30.74 -17.75
CA SER A 891 1.22 31.94 -18.16
C SER A 891 0.56 33.21 -17.68
N SER A 892 -0.68 33.14 -17.20
CA SER A 892 -1.38 34.33 -16.74
C SER A 892 -1.05 34.61 -15.28
N GLU A 893 -1.39 35.82 -14.84
CA GLU A 893 -1.19 36.17 -13.44
C GLU A 893 -2.12 35.37 -12.54
N ALA A 894 -3.37 35.17 -12.98
CA ALA A 894 -4.33 34.37 -12.22
C ALA A 894 -3.87 32.92 -12.07
N GLY A 895 -3.29 32.36 -13.13
CA GLY A 895 -2.77 30.99 -13.08
C GLY A 895 -1.71 30.82 -12.02
N MET A 896 -0.71 31.70 -12.01
CA MET A 896 0.34 31.66 -11.01
C MET A 896 -0.21 31.91 -9.62
N ASN A 897 -1.09 32.91 -9.50
CA ASN A 897 -1.76 33.27 -8.25
C ASN A 897 -2.39 32.07 -7.55
N ALA A 898 -3.08 31.22 -8.32
CA ALA A 898 -3.81 30.08 -7.77
C ALA A 898 -2.97 28.82 -7.58
N THR A 899 -1.69 28.82 -7.98
CA THR A 899 -0.90 27.60 -7.94
C THR A 899 0.24 27.65 -6.93
N CYS A 900 1.10 28.66 -6.99
CA CYS A 900 2.23 28.74 -6.09
C CYS A 900 1.81 29.25 -4.71
N SER A 901 2.76 29.34 -3.79
CA SER A 901 2.46 29.71 -2.41
C SER A 901 3.48 30.72 -1.90
N SER A 902 3.64 31.81 -2.64
CA SER A 902 4.52 32.91 -2.25
C SER A 902 3.71 33.94 -1.49
N ALA A 903 4.30 35.13 -1.29
CA ALA A 903 3.71 36.19 -0.48
C ALA A 903 2.35 36.67 -0.98
N GLY A 904 2.14 36.68 -2.29
CA GLY A 904 0.91 37.21 -2.85
C GLY A 904 -0.12 36.19 -3.27
N CYS A 905 0.02 34.95 -2.80
CA CYS A 905 -0.80 33.85 -3.28
C CYS A 905 -2.07 33.68 -2.45
N LYS A 906 -2.94 32.81 -2.95
CA LYS A 906 -4.20 32.50 -2.28
C LYS A 906 -3.93 31.65 -1.05
N SER A 907 -4.73 31.89 0.01
CA SER A 907 -4.55 31.20 1.28
C SER A 907 -4.75 29.68 1.16
N PHE A 908 -5.53 29.24 0.17
CA PHE A 908 -5.80 27.82 -0.06
C PHE A 908 -5.37 27.38 -1.45
N SER A 909 -4.23 27.88 -1.91
CA SER A 909 -3.64 27.44 -3.16
C SER A 909 -3.19 25.98 -3.03
N LEU A 910 -3.24 25.26 -4.17
CA LEU A 910 -2.89 23.84 -4.36
C LEU A 910 -1.74 23.34 -3.50
N THR A 911 -0.59 24.04 -3.56
CA THR A 911 0.56 23.69 -2.76
C THR A 911 0.26 23.82 -1.27
N GLN A 912 -0.42 24.89 -0.88
CA GLN A 912 -0.79 25.09 0.53
C GLN A 912 -1.77 24.03 0.99
N LYS A 913 -2.69 23.59 0.10
CA LYS A 913 -3.61 22.53 0.46
C LYS A 913 -2.88 21.21 0.72
N ILE A 914 -1.90 20.87 -0.13
CA ILE A 914 -1.13 19.65 0.07
C ILE A 914 -0.30 19.73 1.34
N GLN A 915 0.36 20.87 1.57
CA GLN A 915 1.16 21.07 2.78
C GLN A 915 0.30 20.98 4.04
N TYR A 916 -0.89 21.57 4.01
CA TYR A 916 -1.82 21.45 5.14
C TYR A 916 -2.23 20.00 5.37
N ALA A 917 -2.58 19.28 4.28
CA ALA A 917 -2.96 17.88 4.39
C ALA A 917 -1.83 17.02 4.99
N SER A 918 -0.58 17.38 4.70
CA SER A 918 0.56 16.65 5.24
C SER A 918 0.72 16.82 6.75
N GLU A 919 0.06 17.80 7.37
CA GLU A 919 0.20 18.02 8.81
C GLU A 919 -0.69 17.10 9.64
N PHE A 920 -1.60 16.35 9.02
CA PHE A 920 -2.51 15.45 9.72
C PHE A 920 -2.44 14.06 9.08
N PRO A 921 -1.30 13.36 9.22
CA PRO A 921 -1.09 12.11 8.45
C PRO A 921 -2.08 10.99 8.75
N ASP A 922 -2.76 10.99 9.90
CA ASP A 922 -3.67 9.88 10.19
C ASP A 922 -5.04 10.08 9.56
N GLN A 923 -5.47 11.31 9.34
CA GLN A 923 -6.75 11.54 8.71
C GLN A 923 -6.63 11.49 7.20
N SER A 924 -5.48 11.87 6.67
CA SER A 924 -5.19 11.81 5.24
C SER A 924 -3.78 11.29 5.12
N TYR A 925 -3.61 10.17 4.42
CA TYR A 925 -2.37 9.40 4.46
C TYR A 925 -1.24 10.03 3.64
N VAL A 926 -0.90 11.27 3.97
CA VAL A 926 0.21 12.00 3.35
C VAL A 926 1.15 12.43 4.46
N ALA A 927 2.42 12.05 4.35
CA ALA A 927 3.41 12.35 5.39
C ALA A 927 4.31 13.53 5.06
N ILE A 928 4.72 13.68 3.80
CA ILE A 928 5.72 14.67 3.41
C ILE A 928 5.12 15.59 2.35
N ALA A 929 5.20 16.89 2.62
CA ALA A 929 4.64 17.92 1.74
C ALA A 929 5.26 17.89 0.36
N ALA A 930 4.43 18.15 -0.64
CA ALA A 930 4.85 18.14 -2.03
C ALA A 930 5.77 19.30 -2.39
N SER A 931 6.66 19.05 -3.34
CA SER A 931 7.42 20.11 -3.98
C SER A 931 6.55 20.77 -5.04
N SER A 932 7.01 21.91 -5.56
CA SER A 932 6.26 22.63 -6.58
C SER A 932 7.21 23.36 -7.49
N TRP A 933 7.22 22.97 -8.77
CA TRP A 933 8.10 23.60 -9.76
C TRP A 933 7.82 25.08 -9.96
N VAL A 934 6.58 25.52 -9.72
CA VAL A 934 6.23 26.93 -9.95
C VAL A 934 6.93 27.83 -8.93
N ASP A 935 7.03 27.39 -7.67
CA ASP A 935 7.65 28.24 -6.65
C ASP A 935 9.15 28.32 -6.83
N ASP A 936 9.76 27.22 -7.23
CA ASP A 936 11.19 27.21 -7.49
C ASP A 936 11.51 28.01 -8.74
N PHE A 937 10.63 27.97 -9.74
CA PHE A 937 10.81 28.79 -10.95
C PHE A 937 10.76 30.27 -10.64
N ILE A 938 9.72 30.70 -9.91
CA ILE A 938 9.56 32.11 -9.54
C ILE A 938 10.72 32.57 -8.65
N ASP A 939 11.12 31.74 -7.70
CA ASP A 939 12.27 32.06 -6.84
C ASP A 939 13.57 32.19 -7.65
N TRP A 940 13.77 31.28 -8.61
CA TRP A 940 14.93 31.33 -9.50
C TRP A 940 14.97 32.62 -10.31
N LEU A 941 13.81 33.07 -10.81
CA LEU A 941 13.75 34.30 -11.61
C LEU A 941 14.13 35.57 -10.84
N THR A 942 14.13 35.55 -9.51
CA THR A 942 14.36 36.75 -8.70
C THR A 942 15.73 37.37 -8.98
N PRO A 943 15.78 38.68 -9.31
CA PRO A 943 17.06 39.35 -9.61
C PRO A 943 18.14 39.25 -8.53
N SER A 944 17.76 39.24 -7.25
CA SER A 944 18.73 39.22 -6.17
C SER A 944 19.47 37.89 -6.03
N SER A 945 19.04 36.84 -6.72
CA SER A 945 19.69 35.55 -6.60
C SER A 945 20.84 35.37 -7.60
N SER A 946 20.97 36.29 -8.56
CA SER A 946 22.00 36.27 -9.62
C SER A 946 22.05 34.94 -10.37
N CYS A 947 20.87 34.45 -10.76
CA CYS A 947 20.74 33.19 -11.47
C CYS A 947 20.38 33.34 -12.94
N CYS A 948 19.55 34.32 -13.29
CA CYS A 948 19.12 34.52 -14.67
C CYS A 948 19.76 35.81 -15.17
N ARG A 949 20.82 35.67 -15.96
CA ARG A 949 21.59 36.80 -16.45
C ARG A 949 21.81 36.65 -17.95
N LEU A 950 22.04 37.78 -18.62
CA LEU A 950 22.29 37.79 -20.05
C LEU A 950 23.55 38.57 -20.36
N TYR A 951 24.17 38.21 -21.47
CA TYR A 951 25.36 38.92 -21.96
C TYR A 951 24.99 40.35 -22.32
N ILE A 952 25.92 41.27 -22.07
CA ILE A 952 25.68 42.69 -22.31
C ILE A 952 26.40 43.18 -23.57
N ARG A 953 27.41 42.46 -24.04
CA ARG A 953 28.15 42.87 -25.23
C ARG A 953 28.73 41.64 -25.91
N GLY A 954 29.11 41.82 -27.18
CA GLY A 954 29.81 40.80 -27.93
C GLY A 954 28.91 39.93 -28.79
N PRO A 955 29.50 38.87 -29.36
CA PRO A 955 28.75 38.00 -30.30
C PRO A 955 27.52 37.30 -29.74
N HIS A 956 27.38 37.19 -28.42
CA HIS A 956 26.27 36.45 -27.84
C HIS A 956 25.37 37.34 -26.99
N LYS A 957 25.17 38.58 -27.43
CA LYS A 957 24.28 39.51 -26.74
C LYS A 957 22.85 38.99 -26.75
N ASP A 958 22.16 39.14 -25.60
CA ASP A 958 20.78 38.74 -25.32
C ASP A 958 20.57 37.24 -25.30
N GLU A 959 21.65 36.45 -25.30
CA GLU A 959 21.56 35.01 -25.13
C GLU A 959 21.72 34.67 -23.65
N PHE A 960 21.25 33.48 -23.28
CA PHE A 960 21.38 33.01 -21.91
C PHE A 960 22.84 32.83 -21.53
N CYS A 961 23.24 33.43 -20.41
CA CYS A 961 24.59 33.33 -19.88
C CYS A 961 24.55 32.54 -18.58
N PRO A 962 25.03 31.29 -18.58
CA PRO A 962 24.96 30.46 -17.37
C PRO A 962 25.68 31.06 -16.18
N SER A 963 25.13 30.77 -14.98
CA SER A 963 25.65 31.24 -13.70
C SER A 963 27.09 30.84 -13.40
N THR A 964 27.68 29.91 -14.15
CA THR A 964 29.06 29.49 -13.92
C THR A 964 30.06 30.32 -14.72
N ASP A 965 29.58 31.26 -15.53
CA ASP A 965 30.46 32.14 -16.30
C ASP A 965 30.82 33.32 -15.41
N THR A 966 32.08 33.40 -15.01
CA THR A 966 32.54 34.40 -14.05
C THR A 966 33.13 35.63 -14.70
N SER A 967 32.95 35.82 -16.00
CA SER A 967 33.50 36.98 -16.68
C SER A 967 32.66 38.23 -16.39
N PHE A 968 33.13 39.36 -16.91
CA PHE A 968 32.47 40.65 -16.72
C PHE A 968 31.66 41.06 -17.95
N ASN A 969 31.32 40.11 -18.81
CA ASN A 969 30.55 40.36 -20.01
C ASN A 969 29.05 40.26 -19.78
N CYS A 970 28.61 40.08 -18.54
CA CYS A 970 27.21 39.89 -18.21
C CYS A 970 26.89 40.65 -16.94
N LEU A 971 26.12 41.73 -17.08
CA LEU A 971 25.78 42.59 -15.96
C LEU A 971 24.29 42.92 -15.97
N LYS A 972 23.52 42.31 -16.86
CA LYS A 972 22.10 42.62 -17.03
C LYS A 972 21.26 41.46 -16.52
N ASN A 973 20.20 41.79 -15.79
CA ASN A 973 19.30 40.80 -15.25
C ASN A 973 18.18 40.47 -16.25
N CYS A 974 17.60 39.28 -16.09
CA CYS A 974 16.44 38.90 -16.88
C CYS A 974 15.24 39.80 -16.60
N MET A 975 15.06 40.21 -15.35
CA MET A 975 13.94 41.05 -14.96
C MET A 975 14.43 42.31 -14.26
N ASN A 976 13.65 43.37 -14.37
CA ASN A 976 13.97 44.61 -13.67
C ASN A 976 13.49 44.53 -12.22
N ARG A 977 14.25 45.16 -11.33
CA ARG A 977 13.89 45.21 -9.92
C ARG A 977 12.56 45.91 -9.71
N THR A 978 11.70 45.29 -8.92
CA THR A 978 10.38 45.82 -8.56
C THR A 978 10.17 45.64 -7.07
N LEU A 979 8.97 46.00 -6.62
CA LEU A 979 8.55 45.82 -5.25
C LEU A 979 7.40 44.82 -5.21
N GLY A 980 7.33 44.07 -4.11
CA GLY A 980 6.28 43.09 -3.96
C GLY A 980 6.54 41.83 -4.74
N PRO A 981 5.47 41.06 -5.02
CA PRO A 981 5.61 39.78 -5.72
C PRO A 981 6.21 39.91 -7.11
N VAL A 982 6.99 38.89 -7.49
CA VAL A 982 7.62 38.82 -8.81
C VAL A 982 6.72 38.02 -9.73
N ARG A 983 6.30 38.63 -10.84
CA ARG A 983 5.48 37.89 -11.81
C ARG A 983 5.99 38.19 -13.21
N PRO A 984 6.35 37.18 -13.98
CA PRO A 984 6.80 37.41 -15.35
C PRO A 984 5.64 37.68 -16.30
N THR A 985 5.97 38.29 -17.43
CA THR A 985 5.03 38.42 -18.52
C THR A 985 4.99 37.10 -19.29
N ALA A 986 3.98 36.98 -20.17
CA ALA A 986 3.81 35.77 -20.98
C ALA A 986 5.01 35.49 -21.87
N GLU A 987 5.61 36.55 -22.45
CA GLU A 987 6.76 36.38 -23.32
C GLU A 987 7.96 35.89 -22.54
N GLN A 988 8.19 36.50 -21.36
CA GLN A 988 9.29 36.10 -20.49
C GLN A 988 9.09 34.68 -19.98
N PHE A 989 7.86 34.32 -19.64
CA PHE A 989 7.55 32.97 -19.15
C PHE A 989 7.86 31.93 -20.20
N HIS A 990 7.35 32.12 -21.43
CA HIS A 990 7.54 31.10 -22.45
C HIS A 990 8.97 31.09 -22.98
N LYS A 991 9.67 32.22 -22.91
CA LYS A 991 11.05 32.23 -23.36
C LYS A 991 12.00 31.61 -22.32
N TYR A 992 11.80 31.91 -21.03
CA TYR A 992 12.75 31.52 -20.00
C TYR A 992 12.52 30.15 -19.37
N LEU A 993 11.29 29.60 -19.42
CA LEU A 993 11.05 28.29 -18.81
C LEU A 993 11.92 27.14 -19.34
N PRO A 994 12.18 26.96 -20.66
CA PRO A 994 13.14 25.92 -21.07
C PRO A 994 14.56 26.14 -20.58
N TRP A 995 14.93 27.36 -20.18
CA TRP A 995 16.25 27.58 -19.63
C TRP A 995 16.30 27.13 -18.18
N PHE A 996 15.26 27.47 -17.41
CA PHE A 996 15.12 27.03 -16.03
C PHE A 996 15.16 25.52 -15.93
N LEU A 997 14.41 24.82 -16.78
CA LEU A 997 14.33 23.36 -16.72
C LEU A 997 15.65 22.64 -17.00
N ASN A 998 16.67 23.32 -17.53
CA ASN A 998 17.93 22.67 -17.87
C ASN A 998 19.13 23.22 -17.10
N ASP A 999 18.90 23.97 -16.02
CA ASP A 999 20.00 24.58 -15.26
C ASP A 999 20.43 23.66 -14.12
N PRO A 1000 21.63 23.07 -14.17
CA PRO A 1000 22.08 22.24 -13.05
C PRO A 1000 22.37 23.08 -11.83
N PRO A 1001 22.11 22.57 -10.63
CA PRO A 1001 22.41 23.35 -9.43
C PRO A 1001 23.91 23.42 -9.15
N ASN A 1002 24.32 24.55 -8.58
CA ASN A 1002 25.71 24.76 -8.16
C ASN A 1002 25.71 25.68 -6.94
N ILE A 1003 26.90 25.84 -6.36
CA ILE A 1003 27.10 26.67 -5.16
C ILE A 1003 26.71 28.14 -5.37
N ARG A 1004 26.72 28.64 -6.61
CA ARG A 1004 26.35 30.04 -6.83
C ARG A 1004 24.84 30.22 -6.88
N CYS A 1005 24.10 29.21 -7.33
CA CYS A 1005 22.65 29.28 -7.46
C CYS A 1005 22.08 27.92 -7.09
N PRO A 1006 21.76 27.71 -5.81
CA PRO A 1006 21.25 26.41 -5.35
C PRO A 1006 19.94 25.96 -5.99
N LYS A 1007 19.16 26.87 -6.55
CA LYS A 1007 17.90 26.51 -7.17
C LYS A 1007 18.14 26.15 -8.64
N GLY A 1008 17.26 25.32 -9.16
CA GLY A 1008 17.29 24.91 -10.55
C GLY A 1008 16.48 23.67 -10.74
N GLY A 1009 16.02 23.49 -11.97
CA GLY A 1009 15.13 22.40 -12.27
C GLY A 1009 15.73 21.17 -12.90
N LEU A 1010 17.03 21.19 -13.22
CA LEU A 1010 17.61 20.04 -13.90
C LEU A 1010 17.62 18.81 -13.01
N ALA A 1011 17.94 18.96 -11.73
CA ALA A 1011 18.08 17.83 -10.83
C ALA A 1011 16.76 17.37 -10.21
N ALA A 1012 15.66 18.06 -10.46
CA ALA A 1012 14.41 17.67 -9.85
C ALA A 1012 13.19 17.78 -10.75
N TYR A 1013 13.16 18.70 -11.71
CA TYR A 1013 11.96 18.99 -12.48
C TYR A 1013 12.12 18.74 -13.97
N ARG A 1014 13.21 18.10 -14.39
CA ARG A 1014 13.50 17.91 -15.82
C ARG A 1014 12.37 17.18 -16.55
N THR A 1015 11.75 16.20 -15.91
CA THR A 1015 10.72 15.39 -16.53
C THR A 1015 9.35 15.62 -15.92
N SER A 1016 9.17 16.67 -15.12
CA SER A 1016 7.90 16.94 -14.50
C SER A 1016 7.06 17.96 -15.26
N VAL A 1017 7.60 18.55 -16.32
CA VAL A 1017 6.86 19.50 -17.17
C VAL A 1017 7.05 19.10 -18.62
N ASN A 1018 5.95 18.81 -19.31
CA ASN A 1018 5.95 18.45 -20.72
C ASN A 1018 5.55 19.70 -21.49
N LEU A 1019 6.47 20.24 -22.27
CA LEU A 1019 6.24 21.44 -23.06
C LEU A 1019 5.87 21.11 -24.50
N SER A 1020 5.03 21.95 -25.07
CA SER A 1020 4.63 21.84 -26.47
C SER A 1020 5.65 22.53 -27.36
N SER A 1021 5.46 22.38 -28.68
CA SER A 1021 6.36 23.02 -29.63
C SER A 1021 6.22 24.53 -29.64
N ASP A 1022 5.10 25.07 -29.16
CA ASP A 1022 4.87 26.50 -29.07
C ASP A 1022 5.06 27.05 -27.66
N GLY A 1023 5.64 26.26 -26.76
CA GLY A 1023 5.89 26.69 -25.41
C GLY A 1023 4.79 26.49 -24.40
N GLN A 1024 3.67 25.89 -24.77
CA GLN A 1024 2.61 25.66 -23.81
C GLN A 1024 2.84 24.37 -23.04
N VAL A 1025 2.33 24.34 -21.81
CA VAL A 1025 2.41 23.16 -20.97
C VAL A 1025 1.27 22.20 -21.29
N ILE A 1026 1.62 20.94 -21.52
CA ILE A 1026 0.59 19.92 -21.76
C ILE A 1026 0.20 19.23 -20.47
N ALA A 1027 1.17 18.90 -19.61
CA ALA A 1027 0.88 18.20 -18.36
C ALA A 1027 1.98 18.51 -17.36
N SER A 1028 1.66 18.32 -16.07
CA SER A 1028 2.65 18.54 -15.02
C SER A 1028 2.33 17.65 -13.83
N GLN A 1029 3.27 17.52 -12.90
CA GLN A 1029 3.00 16.71 -11.72
C GLN A 1029 3.62 17.32 -10.47
N PHE A 1030 2.96 17.07 -9.34
CA PHE A 1030 3.48 17.43 -8.02
C PHE A 1030 3.67 16.14 -7.23
N MET A 1031 4.89 15.93 -6.72
CA MET A 1031 5.25 14.66 -6.06
C MET A 1031 5.24 14.78 -4.55
N ALA A 1032 4.67 13.79 -3.88
CA ALA A 1032 4.60 13.75 -2.41
C ALA A 1032 4.74 12.31 -1.95
N TYR A 1033 4.90 12.10 -0.65
CA TYR A 1033 5.04 10.76 -0.08
C TYR A 1033 3.93 10.45 0.90
N HIS A 1034 3.50 9.19 0.88
CA HIS A 1034 2.54 8.65 1.84
C HIS A 1034 3.23 8.31 3.16
N LYS A 1035 2.42 8.16 4.21
CA LYS A 1035 2.88 7.63 5.47
C LYS A 1035 3.06 6.12 5.29
N PRO A 1036 3.77 5.42 6.20
CA PRO A 1036 3.89 3.96 6.06
C PRO A 1036 2.56 3.23 6.01
N LEU A 1037 2.48 2.29 5.07
CA LEU A 1037 1.30 1.46 4.87
C LEU A 1037 1.73 0.03 5.18
N ARG A 1038 0.89 -0.70 5.90
CA ARG A 1038 1.29 -2.02 6.38
C ARG A 1038 0.41 -3.17 5.93
N ASN A 1039 -0.85 -2.93 5.62
CA ASN A 1039 -1.74 -4.00 5.18
C ASN A 1039 -2.71 -3.44 4.16
N SER A 1040 -3.57 -4.32 3.63
CA SER A 1040 -4.48 -3.93 2.54
C SER A 1040 -5.50 -2.87 2.95
N GLN A 1041 -5.77 -2.72 4.24
CA GLN A 1041 -6.75 -1.73 4.64
C GLN A 1041 -6.15 -0.33 4.62
N ASP A 1042 -4.83 -0.23 4.76
CA ASP A 1042 -4.20 1.06 4.70
C ASP A 1042 -4.03 1.51 3.26
N PHE A 1043 -3.80 0.57 2.35
CA PHE A 1043 -3.73 0.91 0.94
C PHE A 1043 -5.08 1.39 0.43
N THR A 1044 -6.16 0.72 0.87
CA THR A 1044 -7.51 1.12 0.47
C THR A 1044 -7.87 2.50 1.03
N GLU A 1045 -7.61 2.73 2.32
CA GLU A 1045 -7.97 4.02 2.92
C GLU A 1045 -7.11 5.15 2.37
N ALA A 1046 -5.83 4.88 2.07
CA ALA A 1046 -4.97 5.88 1.45
C ALA A 1046 -5.48 6.28 0.08
N LEU A 1047 -5.97 5.30 -0.69
CA LEU A 1047 -6.54 5.61 -2.00
C LEU A 1047 -7.81 6.46 -1.87
N ARG A 1048 -8.68 6.16 -0.91
CA ARG A 1048 -9.89 6.96 -0.69
C ARG A 1048 -9.56 8.41 -0.34
N ALA A 1049 -8.66 8.60 0.63
CA ALA A 1049 -8.31 9.94 1.09
C ALA A 1049 -7.64 10.75 -0.02
N SER A 1050 -6.72 10.12 -0.76
CA SER A 1050 -6.02 10.82 -1.83
C SER A 1050 -6.96 11.24 -2.96
N ARG A 1051 -7.92 10.37 -3.35
CA ARG A 1051 -8.88 10.78 -4.37
C ARG A 1051 -9.79 11.91 -3.89
N LEU A 1052 -10.18 11.90 -2.61
CA LEU A 1052 -10.99 12.99 -2.07
C LEU A 1052 -10.24 14.33 -2.13
N LEU A 1053 -8.93 14.30 -1.80
CA LEU A 1053 -8.12 15.51 -1.86
C LEU A 1053 -7.97 16.03 -3.28
N ALA A 1054 -7.72 15.12 -4.24
CA ALA A 1054 -7.62 15.53 -5.64
C ALA A 1054 -8.92 16.12 -6.16
N ALA A 1055 -10.07 15.56 -5.72
CA ALA A 1055 -11.36 16.11 -6.11
C ALA A 1055 -11.56 17.53 -5.60
N ASN A 1056 -11.18 17.79 -4.34
CA ASN A 1056 -11.27 19.15 -3.81
C ASN A 1056 -10.38 20.13 -4.59
N ILE A 1057 -9.18 19.68 -4.96
CA ILE A 1057 -8.26 20.54 -5.71
C ILE A 1057 -8.82 20.90 -7.09
N THR A 1058 -9.30 19.89 -7.85
CA THR A 1058 -9.90 20.17 -9.16
C THR A 1058 -11.12 21.08 -9.01
N ALA A 1059 -11.97 20.82 -8.00
CA ALA A 1059 -13.19 21.58 -7.76
C ALA A 1059 -12.90 23.06 -7.57
N ASP A 1060 -11.77 23.40 -6.95
CA ASP A 1060 -11.48 24.82 -6.79
C ASP A 1060 -10.68 25.41 -7.95
N LEU A 1061 -9.83 24.62 -8.60
CA LEU A 1061 -9.09 25.12 -9.77
C LEU A 1061 -10.02 25.40 -10.95
N ARG A 1062 -11.16 24.70 -11.05
CA ARG A 1062 -12.06 24.96 -12.18
C ARG A 1062 -12.80 26.29 -12.12
N LYS A 1063 -12.67 27.09 -11.07
CA LYS A 1063 -13.34 28.40 -11.04
C LYS A 1063 -12.52 29.52 -11.66
N VAL A 1064 -11.31 29.22 -12.11
CA VAL A 1064 -10.44 30.25 -12.69
C VAL A 1064 -10.90 30.51 -14.13
N PRO A 1065 -11.18 31.77 -14.49
CA PRO A 1065 -11.60 32.10 -15.85
C PRO A 1065 -10.59 31.70 -16.92
N GLY A 1066 -11.12 31.21 -18.05
CA GLY A 1066 -10.29 30.85 -19.19
C GLY A 1066 -9.90 29.38 -19.28
N THR A 1067 -10.13 28.59 -18.24
CA THR A 1067 -9.73 27.19 -18.30
C THR A 1067 -10.73 26.37 -19.11
N ASP A 1068 -10.29 25.19 -19.52
CA ASP A 1068 -11.16 24.27 -20.25
C ASP A 1068 -12.20 23.68 -19.29
N PRO A 1069 -13.45 23.51 -19.75
CA PRO A 1069 -14.48 22.86 -18.93
C PRO A 1069 -14.16 21.43 -18.48
N ASN A 1070 -13.21 20.73 -19.09
CA ASN A 1070 -12.88 19.36 -18.73
C ASN A 1070 -11.43 19.23 -18.28
N PHE A 1071 -10.99 20.17 -17.45
CA PHE A 1071 -9.70 20.14 -16.81
C PHE A 1071 -9.80 19.39 -15.48
N GLU A 1072 -8.83 18.52 -15.20
CA GLU A 1072 -8.83 17.80 -13.93
C GLU A 1072 -7.41 17.40 -13.55
N VAL A 1073 -7.26 16.99 -12.29
CA VAL A 1073 -6.03 16.41 -11.77
C VAL A 1073 -6.35 15.04 -11.20
N PHE A 1074 -5.33 14.19 -11.12
CA PHE A 1074 -5.58 12.86 -10.57
C PHE A 1074 -4.34 12.31 -9.86
N PRO A 1075 -4.52 11.53 -8.79
CA PRO A 1075 -3.43 10.94 -7.97
C PRO A 1075 -2.79 9.61 -8.38
N TYR A 1076 -1.90 9.64 -9.36
CA TYR A 1076 -1.25 8.41 -9.79
C TYR A 1076 -0.25 7.88 -8.77
N THR A 1077 -0.28 6.57 -8.58
CA THR A 1077 0.71 5.79 -7.87
C THR A 1077 0.62 4.36 -8.41
N ILE A 1078 1.74 3.64 -8.36
CA ILE A 1078 1.89 2.35 -9.03
C ILE A 1078 0.90 1.30 -8.51
N SER A 1079 0.49 1.39 -7.25
CA SER A 1079 -0.32 0.38 -6.60
C SER A 1079 -1.82 0.46 -6.87
N ASN A 1080 -2.31 1.53 -7.49
CA ASN A 1080 -3.75 1.75 -7.66
C ASN A 1080 -4.45 0.69 -8.50
N VAL A 1081 -3.75 0.14 -9.50
CA VAL A 1081 -4.34 -0.80 -10.47
C VAL A 1081 -4.92 -2.02 -9.78
N PHE A 1082 -4.21 -2.56 -8.80
CA PHE A 1082 -4.72 -3.73 -8.09
C PHE A 1082 -5.77 -3.34 -7.07
N TYR A 1083 -5.45 -2.42 -6.17
CA TYR A 1083 -6.27 -2.12 -5.01
C TYR A 1083 -7.59 -1.42 -5.32
N GLN A 1084 -7.76 -0.82 -6.51
CA GLN A 1084 -9.02 -0.11 -6.82
C GLN A 1084 -10.28 -0.97 -6.71
N GLN A 1085 -10.18 -2.30 -6.80
CA GLN A 1085 -11.33 -3.20 -6.77
C GLN A 1085 -12.04 -3.24 -5.43
N TYR A 1086 -11.45 -2.71 -4.36
CA TYR A 1086 -12.08 -2.80 -3.05
C TYR A 1086 -12.78 -1.51 -2.66
N LEU A 1087 -12.90 -0.55 -3.58
CA LEU A 1087 -13.51 0.75 -3.28
C LEU A 1087 -15.02 0.77 -3.39
N THR A 1088 -15.65 -0.29 -3.87
CA THR A 1088 -17.07 -0.21 -4.11
C THR A 1088 -17.87 -0.54 -2.85
N VAL A 1089 -19.19 -0.51 -2.98
CA VAL A 1089 -20.09 -0.79 -1.87
C VAL A 1089 -20.33 -2.29 -1.72
N LEU A 1090 -20.48 -2.99 -2.84
CA LEU A 1090 -20.63 -4.44 -2.87
C LEU A 1090 -19.35 -5.02 -3.46
N PRO A 1091 -18.59 -5.83 -2.71
CA PRO A 1091 -17.24 -6.18 -3.15
C PRO A 1091 -17.16 -7.12 -4.36
N GLU A 1092 -17.68 -6.63 -5.49
CA GLU A 1092 -17.60 -7.16 -6.85
C GLU A 1092 -18.30 -8.51 -7.07
N GLY A 1093 -18.14 -9.46 -6.14
CA GLY A 1093 -18.72 -10.78 -6.34
C GLY A 1093 -20.17 -10.95 -5.93
N ILE A 1094 -20.73 -9.96 -5.23
CA ILE A 1094 -22.08 -10.08 -4.68
C ILE A 1094 -23.14 -10.13 -5.78
N PHE A 1095 -23.01 -9.25 -6.78
CA PHE A 1095 -23.97 -9.21 -7.89
C PHE A 1095 -23.98 -10.54 -8.65
N THR A 1096 -22.80 -11.05 -9.02
CA THR A 1096 -22.69 -12.30 -9.76
C THR A 1096 -23.22 -13.49 -8.94
N LEU A 1097 -22.85 -13.56 -7.65
CA LEU A 1097 -23.34 -14.65 -6.79
C LEU A 1097 -24.84 -14.60 -6.63
N ALA A 1098 -25.42 -13.40 -6.46
CA ALA A 1098 -26.86 -13.26 -6.37
C ALA A 1098 -27.54 -13.69 -7.67
N LEU A 1099 -26.95 -13.32 -8.81
CA LEU A 1099 -27.52 -13.67 -10.10
C LEU A 1099 -27.53 -15.18 -10.34
N CYS A 1100 -26.46 -15.88 -9.91
CA CYS A 1100 -26.32 -17.33 -10.11
C CYS A 1100 -27.42 -18.20 -9.49
N PHE A 1101 -28.31 -17.67 -8.64
CA PHE A 1101 -29.36 -18.51 -8.06
C PHE A 1101 -30.52 -18.79 -9.00
N VAL A 1102 -30.70 -17.93 -10.01
CA VAL A 1102 -31.85 -18.06 -10.93
C VAL A 1102 -31.91 -19.38 -11.72
N PRO A 1103 -30.82 -19.90 -12.32
CA PRO A 1103 -30.95 -21.16 -13.10
C PRO A 1103 -31.42 -22.37 -12.33
N THR A 1104 -31.23 -22.42 -11.01
CA THR A 1104 -31.72 -23.53 -10.21
C THR A 1104 -33.24 -23.60 -10.28
N PHE A 1105 -33.89 -22.50 -9.90
CA PHE A 1105 -35.34 -22.38 -9.97
C PHE A 1105 -35.85 -22.60 -11.38
N VAL A 1106 -35.24 -21.93 -12.38
CA VAL A 1106 -35.77 -21.98 -13.74
C VAL A 1106 -35.69 -23.39 -14.33
N VAL A 1107 -34.52 -24.03 -14.24
CA VAL A 1107 -34.33 -25.37 -14.81
C VAL A 1107 -35.19 -26.40 -14.07
N CYS A 1108 -35.19 -26.37 -12.74
CA CYS A 1108 -35.99 -27.31 -11.95
C CYS A 1108 -37.48 -27.14 -12.22
N TYR A 1109 -37.96 -25.90 -12.25
CA TYR A 1109 -39.35 -25.59 -12.55
C TYR A 1109 -39.77 -26.10 -13.92
N LEU A 1110 -38.97 -25.82 -14.96
CA LEU A 1110 -39.38 -26.21 -16.31
C LEU A 1110 -39.32 -27.73 -16.52
N LEU A 1111 -38.24 -28.38 -16.10
CA LEU A 1111 -38.10 -29.81 -16.39
C LEU A 1111 -39.11 -30.69 -15.66
N LEU A 1112 -39.52 -30.33 -14.44
CA LEU A 1112 -40.43 -31.19 -13.70
C LEU A 1112 -41.90 -30.99 -14.03
N GLY A 1113 -42.26 -30.14 -14.98
CA GLY A 1113 -43.64 -29.97 -15.36
C GLY A 1113 -44.37 -28.79 -14.76
N LEU A 1114 -43.68 -27.65 -14.56
CA LEU A 1114 -44.24 -26.40 -14.05
C LEU A 1114 -44.70 -26.55 -12.59
N ASP A 1115 -43.93 -27.29 -11.81
CA ASP A 1115 -44.21 -27.52 -10.40
C ASP A 1115 -43.61 -26.37 -9.60
N MET A 1116 -44.46 -25.50 -9.05
CA MET A 1116 -44.01 -24.35 -8.28
C MET A 1116 -43.33 -24.76 -6.97
N CYS A 1117 -43.80 -25.84 -6.35
CA CYS A 1117 -43.30 -26.22 -5.02
C CYS A 1117 -41.86 -26.71 -5.07
N SER A 1118 -41.53 -27.53 -6.07
CA SER A 1118 -40.17 -28.06 -6.20
C SER A 1118 -39.16 -26.95 -6.47
N GLY A 1119 -39.53 -26.02 -7.37
CA GLY A 1119 -38.67 -24.88 -7.67
C GLY A 1119 -38.39 -24.02 -6.45
N ILE A 1120 -39.46 -23.64 -5.74
CA ILE A 1120 -39.31 -22.77 -4.57
C ILE A 1120 -38.51 -23.46 -3.46
N LEU A 1121 -38.78 -24.75 -3.20
CA LEU A 1121 -38.03 -25.47 -2.16
C LEU A 1121 -36.55 -25.60 -2.52
N ASN A 1122 -36.24 -25.85 -3.80
CA ASN A 1122 -34.83 -25.97 -4.19
C ASN A 1122 -34.10 -24.65 -4.04
N LEU A 1123 -34.75 -23.55 -4.46
CA LEU A 1123 -34.13 -22.23 -4.37
C LEU A 1123 -33.88 -21.84 -2.91
N LEU A 1124 -34.88 -22.07 -2.04
CA LEU A 1124 -34.73 -21.74 -0.62
C LEU A 1124 -33.63 -22.54 0.05
N SER A 1125 -33.50 -23.84 -0.31
CA SER A 1125 -32.44 -24.67 0.26
C SER A 1125 -31.06 -24.16 -0.14
N ILE A 1126 -30.88 -23.82 -1.43
CA ILE A 1126 -29.57 -23.34 -1.90
C ILE A 1126 -29.20 -22.03 -1.21
N ILE A 1127 -30.20 -21.13 -1.06
CA ILE A 1127 -29.97 -19.84 -0.39
C ILE A 1127 -29.54 -20.04 1.07
N MET A 1128 -30.24 -20.93 1.79
CA MET A 1128 -29.89 -21.20 3.19
C MET A 1128 -28.47 -21.75 3.32
N ILE A 1129 -28.08 -22.65 2.41
CA ILE A 1129 -26.72 -23.21 2.44
C ILE A 1129 -25.66 -22.13 2.23
N LEU A 1130 -25.88 -21.25 1.25
CA LEU A 1130 -24.88 -20.21 0.97
C LEU A 1130 -24.76 -19.18 2.10
N VAL A 1131 -25.89 -18.82 2.73
CA VAL A 1131 -25.85 -17.91 3.86
C VAL A 1131 -25.10 -18.52 5.04
N ASP A 1132 -25.36 -19.81 5.32
CA ASP A 1132 -24.63 -20.51 6.37
C ASP A 1132 -23.14 -20.57 6.10
N THR A 1133 -22.77 -20.78 4.83
CA THR A 1133 -21.36 -20.84 4.45
C THR A 1133 -20.66 -19.50 4.70
N ILE A 1134 -21.28 -18.40 4.29
CA ILE A 1134 -20.68 -17.08 4.48
C ILE A 1134 -20.56 -16.74 5.97
N GLY A 1135 -21.63 -17.00 6.74
CA GLY A 1135 -21.59 -16.79 8.19
C GLY A 1135 -20.46 -17.54 8.89
N LEU A 1136 -20.35 -18.85 8.63
CA LEU A 1136 -19.28 -19.64 9.24
C LEU A 1136 -17.91 -19.23 8.74
N MET A 1137 -17.82 -18.77 7.47
CA MET A 1137 -16.57 -18.24 6.96
C MET A 1137 -16.13 -17.02 7.73
N ALA A 1138 -17.08 -16.15 8.09
CA ALA A 1138 -16.76 -14.98 8.90
C ALA A 1138 -16.31 -15.40 10.30
N VAL A 1139 -17.00 -16.38 10.90
CA VAL A 1139 -16.67 -16.81 12.25
C VAL A 1139 -15.30 -17.50 12.31
N TRP A 1140 -14.87 -18.15 11.24
CA TRP A 1140 -13.59 -18.84 11.27
C TRP A 1140 -12.45 -17.96 10.77
N GLY A 1141 -12.67 -16.67 10.59
CA GLY A 1141 -11.63 -15.74 10.18
C GLY A 1141 -11.00 -15.97 8.81
N ILE A 1142 -11.82 -16.18 7.80
CA ILE A 1142 -11.36 -16.31 6.42
C ILE A 1142 -11.81 -15.05 5.67
N SER A 1143 -10.87 -14.39 5.01
CA SER A 1143 -11.16 -13.13 4.34
C SER A 1143 -11.86 -13.38 3.00
N TYR A 1144 -12.56 -12.36 2.53
CA TYR A 1144 -13.23 -12.39 1.23
C TYR A 1144 -12.34 -11.79 0.16
N ASN A 1145 -12.23 -12.46 -0.98
CA ASN A 1145 -11.38 -12.09 -2.09
C ASN A 1145 -11.79 -12.92 -3.31
N ALA A 1146 -11.06 -12.76 -4.41
CA ALA A 1146 -11.35 -13.49 -5.65
C ALA A 1146 -11.26 -15.01 -5.51
N VAL A 1147 -10.38 -15.50 -4.63
CA VAL A 1147 -10.24 -16.95 -4.46
C VAL A 1147 -11.46 -17.51 -3.74
N SER A 1148 -11.91 -16.81 -2.69
CA SER A 1148 -13.15 -17.16 -2.02
C SER A 1148 -14.33 -17.08 -2.98
N LEU A 1149 -14.32 -16.12 -3.90
CA LEU A 1149 -15.37 -16.01 -4.91
C LEU A 1149 -15.42 -17.26 -5.80
N ILE A 1150 -14.24 -17.74 -6.24
CA ILE A 1150 -14.17 -18.97 -7.03
C ILE A 1150 -14.74 -20.15 -6.25
N ASN A 1151 -14.36 -20.28 -4.98
CA ASN A 1151 -14.85 -21.40 -4.17
C ASN A 1151 -16.35 -21.30 -3.89
N LEU A 1152 -16.87 -20.08 -3.68
CA LEU A 1152 -18.31 -19.94 -3.46
C LEU A 1152 -19.13 -20.27 -4.72
N VAL A 1153 -18.63 -19.90 -5.90
CA VAL A 1153 -19.31 -20.29 -7.14
C VAL A 1153 -19.32 -21.82 -7.29
N THR A 1154 -18.20 -22.46 -6.94
CA THR A 1154 -18.13 -23.91 -6.92
C THR A 1154 -19.15 -24.51 -5.94
N ALA A 1155 -19.27 -23.91 -4.75
CA ALA A 1155 -20.25 -24.38 -3.76
C ALA A 1155 -21.68 -24.27 -4.26
N VAL A 1156 -22.00 -23.19 -4.98
CA VAL A 1156 -23.34 -23.00 -5.54
C VAL A 1156 -23.63 -24.10 -6.56
N GLY A 1157 -22.65 -24.41 -7.41
CA GLY A 1157 -22.80 -25.52 -8.33
C GLY A 1157 -22.96 -26.86 -7.65
N MET A 1158 -22.07 -27.16 -6.69
CA MET A 1158 -22.03 -28.45 -6.01
C MET A 1158 -23.30 -28.77 -5.22
N SER A 1159 -23.91 -27.78 -4.56
CA SER A 1159 -25.09 -28.04 -3.72
C SER A 1159 -26.30 -28.59 -4.48
N VAL A 1160 -26.35 -28.40 -5.80
CA VAL A 1160 -27.40 -28.97 -6.64
C VAL A 1160 -27.39 -30.48 -6.53
N GLU A 1161 -26.20 -31.08 -6.43
CA GLU A 1161 -26.06 -32.53 -6.28
C GLU A 1161 -26.66 -33.03 -4.97
N PHE A 1162 -26.77 -32.17 -3.95
CA PHE A 1162 -27.36 -32.52 -2.67
C PHE A 1162 -28.86 -32.27 -2.63
N VAL A 1163 -29.39 -31.40 -3.48
CA VAL A 1163 -30.79 -31.00 -3.40
C VAL A 1163 -31.65 -31.64 -4.50
N SER A 1164 -31.20 -31.52 -5.76
CA SER A 1164 -32.03 -31.85 -6.92
C SER A 1164 -32.44 -33.32 -7.01
N HIS A 1165 -31.54 -34.25 -6.65
CA HIS A 1165 -31.85 -35.66 -6.80
C HIS A 1165 -32.97 -36.08 -5.87
N ILE A 1166 -32.92 -35.61 -4.63
CA ILE A 1166 -33.94 -35.93 -3.64
C ILE A 1166 -35.26 -35.26 -4.04
N THR A 1167 -35.20 -34.00 -4.49
CA THR A 1167 -36.42 -33.30 -4.91
C THR A 1167 -37.14 -34.01 -6.05
N ARG A 1168 -36.39 -34.38 -7.10
CA ARG A 1168 -37.00 -35.09 -8.22
C ARG A 1168 -37.52 -36.46 -7.81
N SER A 1169 -36.74 -37.20 -7.01
CA SER A 1169 -37.16 -38.53 -6.56
C SER A 1169 -38.44 -38.48 -5.77
N PHE A 1170 -38.58 -37.51 -4.86
CA PHE A 1170 -39.83 -37.32 -4.13
C PHE A 1170 -40.97 -37.00 -5.08
N ALA A 1171 -40.74 -36.07 -6.03
CA ALA A 1171 -41.81 -35.65 -6.94
C ALA A 1171 -42.33 -36.79 -7.80
N VAL A 1172 -41.44 -37.63 -8.31
CA VAL A 1172 -41.85 -38.77 -9.17
C VAL A 1172 -42.07 -39.95 -8.23
N SER A 1173 -43.25 -40.00 -7.63
CA SER A 1173 -43.56 -41.05 -6.68
C SER A 1173 -45.06 -41.29 -6.68
N THR A 1174 -45.47 -42.54 -6.53
CA THR A 1174 -46.87 -42.93 -6.60
C THR A 1174 -47.48 -43.31 -5.26
N LYS A 1175 -46.81 -43.08 -4.14
CA LYS A 1175 -47.39 -43.41 -2.84
C LYS A 1175 -48.50 -42.42 -2.51
N PRO A 1176 -49.58 -42.88 -1.85
CA PRO A 1176 -50.75 -42.00 -1.65
C PRO A 1176 -50.54 -40.81 -0.73
N THR A 1177 -49.55 -40.81 0.18
CA THR A 1177 -49.40 -39.70 1.10
C THR A 1177 -47.97 -39.19 1.09
N ARG A 1178 -47.84 -37.91 1.49
CA ARG A 1178 -46.54 -37.23 1.52
C ARG A 1178 -45.57 -37.91 2.47
N LEU A 1179 -46.05 -38.25 3.68
CA LEU A 1179 -45.20 -38.91 4.68
C LEU A 1179 -44.71 -40.27 4.17
N GLU A 1180 -45.60 -41.02 3.51
CA GLU A 1180 -45.19 -42.28 2.88
C GLU A 1180 -44.20 -42.03 1.75
N ARG A 1181 -44.43 -40.98 0.95
CA ARG A 1181 -43.58 -40.67 -0.19
C ARG A 1181 -42.16 -40.32 0.23
N ALA A 1182 -42.02 -39.58 1.33
CA ALA A 1182 -40.71 -39.12 1.78
C ALA A 1182 -39.78 -40.28 2.14
N LYS A 1183 -40.30 -41.26 2.89
CA LYS A 1183 -39.57 -42.46 3.31
C LYS A 1183 -38.81 -43.17 2.19
N ASP A 1184 -39.49 -43.51 1.09
CA ASP A 1184 -38.85 -44.27 0.01
C ASP A 1184 -37.78 -43.45 -0.69
N ALA A 1185 -38.07 -42.16 -0.95
CA ALA A 1185 -37.08 -41.29 -1.57
C ALA A 1185 -35.87 -41.14 -0.67
N THR A 1186 -36.11 -41.03 0.64
CA THR A 1186 -35.03 -40.90 1.61
C THR A 1186 -34.15 -42.13 1.62
N VAL A 1187 -34.74 -43.33 1.65
CA VAL A 1187 -33.91 -44.53 1.75
C VAL A 1187 -33.14 -44.78 0.45
N PHE A 1188 -33.80 -44.77 -0.71
CA PHE A 1188 -33.08 -45.16 -1.91
C PHE A 1188 -32.17 -44.04 -2.41
N MET A 1189 -32.72 -42.84 -2.58
CA MET A 1189 -31.91 -41.77 -3.12
C MET A 1189 -30.98 -41.22 -2.05
N GLY A 1190 -31.43 -41.10 -0.79
CA GLY A 1190 -30.55 -40.69 0.29
C GLY A 1190 -29.32 -41.57 0.43
N SER A 1191 -29.50 -42.91 0.43
CA SER A 1191 -28.34 -43.78 0.54
C SER A 1191 -27.42 -43.66 -0.68
N ALA A 1192 -28.00 -43.54 -1.89
CA ALA A 1192 -27.18 -43.39 -3.08
C ALA A 1192 -26.42 -42.07 -3.10
N VAL A 1193 -27.09 -40.97 -2.73
CA VAL A 1193 -26.47 -39.66 -2.71
C VAL A 1193 -25.38 -39.58 -1.65
N PHE A 1194 -25.66 -40.08 -0.44
CA PHE A 1194 -24.66 -40.07 0.64
C PHE A 1194 -23.40 -40.81 0.22
N ALA A 1195 -23.57 -42.10 -0.17
CA ALA A 1195 -22.46 -42.95 -0.58
C ALA A 1195 -21.71 -42.37 -1.78
N GLY A 1196 -22.41 -41.65 -2.66
CA GLY A 1196 -21.73 -41.09 -3.79
C GLY A 1196 -21.03 -39.79 -3.49
N VAL A 1197 -21.81 -38.71 -3.29
CA VAL A 1197 -21.23 -37.37 -3.24
C VAL A 1197 -20.35 -37.17 -2.00
N ALA A 1198 -20.81 -37.60 -0.80
CA ALA A 1198 -20.07 -37.30 0.43
C ALA A 1198 -18.72 -37.99 0.43
N MET A 1199 -18.74 -39.29 0.23
CA MET A 1199 -17.55 -40.10 0.26
C MET A 1199 -16.69 -39.88 -0.96
N THR A 1200 -17.25 -39.37 -2.06
CA THR A 1200 -16.40 -38.94 -3.16
C THR A 1200 -15.60 -37.69 -2.76
N ASN A 1201 -16.25 -36.74 -2.09
CA ASN A 1201 -15.56 -35.47 -1.82
C ASN A 1201 -14.57 -35.52 -0.66
N PHE A 1202 -14.84 -36.27 0.42
CA PHE A 1202 -13.94 -36.24 1.58
C PHE A 1202 -12.50 -36.71 1.36
N PRO A 1203 -12.20 -37.86 0.72
CA PRO A 1203 -10.79 -38.21 0.48
C PRO A 1203 -10.03 -37.28 -0.44
N GLY A 1204 -10.71 -36.49 -1.26
CA GLY A 1204 -9.93 -35.63 -2.12
C GLY A 1204 -9.61 -34.31 -1.47
N ILE A 1205 -10.21 -34.07 -0.30
CA ILE A 1205 -9.96 -32.87 0.47
C ILE A 1205 -8.98 -33.13 1.60
N LEU A 1206 -9.16 -34.27 2.31
CA LEU A 1206 -8.29 -34.59 3.45
C LEU A 1206 -6.82 -34.74 3.06
N ILE A 1207 -6.54 -35.20 1.83
CA ILE A 1207 -5.17 -35.31 1.33
C ILE A 1207 -4.50 -33.93 1.27
N LEU A 1208 -5.27 -32.89 0.96
CA LEU A 1208 -4.74 -31.55 0.72
C LEU A 1208 -4.21 -30.86 1.99
N GLY A 1209 -4.34 -31.48 3.17
CA GLY A 1209 -3.75 -30.95 4.38
C GLY A 1209 -2.23 -30.91 4.37
N PHE A 1210 -1.59 -31.63 3.45
CA PHE A 1210 -0.14 -31.69 3.33
C PHE A 1210 0.37 -30.83 2.18
N ALA A 1211 -0.43 -29.86 1.73
CA ALA A 1211 -0.08 -29.00 0.60
C ALA A 1211 1.19 -28.17 0.83
N GLN A 1212 1.48 -27.81 2.08
CA GLN A 1212 2.64 -27.00 2.49
C GLN A 1212 2.60 -25.60 1.87
N ALA A 1213 1.42 -24.98 1.93
CA ALA A 1213 1.21 -23.61 1.50
C ALA A 1213 0.01 -23.07 2.24
N GLN A 1214 0.06 -21.79 2.62
CA GLN A 1214 -1.04 -21.22 3.38
C GLN A 1214 -2.26 -20.92 2.52
N LEU A 1215 -2.06 -20.53 1.26
CA LEU A 1215 -3.18 -20.21 0.37
C LEU A 1215 -4.10 -21.41 0.16
N ILE A 1216 -3.51 -22.58 -0.08
CA ILE A 1216 -4.29 -23.79 -0.32
C ILE A 1216 -4.97 -24.26 0.95
N GLN A 1217 -4.25 -24.29 2.07
CA GLN A 1217 -4.83 -24.75 3.33
C GLN A 1217 -5.94 -23.84 3.84
N ILE A 1218 -5.80 -22.53 3.65
CA ILE A 1218 -6.85 -21.63 4.12
C ILE A 1218 -8.06 -21.66 3.19
N PHE A 1219 -7.85 -21.52 1.88
CA PHE A 1219 -9.00 -21.36 1.00
C PHE A 1219 -9.52 -22.63 0.34
N PHE A 1220 -8.78 -23.73 0.35
CA PHE A 1220 -9.26 -24.97 -0.26
C PHE A 1220 -9.56 -26.07 0.74
N PHE A 1221 -8.67 -26.35 1.68
CA PHE A 1221 -8.88 -27.43 2.64
C PHE A 1221 -10.06 -27.13 3.57
N ARG A 1222 -9.96 -26.07 4.37
CA ARG A 1222 -10.97 -25.76 5.38
C ARG A 1222 -12.29 -25.35 4.78
N LEU A 1223 -12.26 -24.55 3.71
CA LEU A 1223 -13.49 -24.04 3.13
C LEU A 1223 -14.29 -25.15 2.47
N ASN A 1224 -13.63 -26.07 1.75
CA ASN A 1224 -14.35 -27.17 1.15
C ASN A 1224 -14.87 -28.16 2.19
N LEU A 1225 -14.15 -28.35 3.31
CA LEU A 1225 -14.70 -29.19 4.38
C LEU A 1225 -15.96 -28.56 4.97
N LEU A 1226 -15.95 -27.24 5.15
CA LEU A 1226 -17.11 -26.52 5.65
C LEU A 1226 -18.31 -26.65 4.69
N ILE A 1227 -18.05 -26.47 3.39
CA ILE A 1227 -19.10 -26.57 2.37
C ILE A 1227 -19.70 -27.97 2.32
N THR A 1228 -18.84 -28.99 2.34
CA THR A 1228 -19.31 -30.38 2.30
C THR A 1228 -20.17 -30.73 3.53
N LEU A 1229 -19.73 -30.30 4.72
CA LEU A 1229 -20.51 -30.58 5.93
C LEU A 1229 -21.86 -29.89 5.92
N LEU A 1230 -21.91 -28.62 5.49
CA LEU A 1230 -23.19 -27.91 5.42
C LEU A 1230 -24.09 -28.54 4.37
N GLY A 1231 -23.51 -28.94 3.24
CA GLY A 1231 -24.25 -29.64 2.20
C GLY A 1231 -24.94 -30.89 2.69
N LEU A 1232 -24.19 -31.77 3.38
CA LEU A 1232 -24.78 -33.00 3.89
C LEU A 1232 -25.85 -32.74 4.95
N LEU A 1233 -25.58 -31.81 5.88
CA LEU A 1233 -26.54 -31.53 6.94
C LEU A 1233 -27.85 -30.95 6.39
N HIS A 1234 -27.77 -30.06 5.42
CA HIS A 1234 -29.02 -29.53 4.84
C HIS A 1234 -29.68 -30.55 3.92
N GLY A 1235 -28.90 -31.27 3.11
CA GLY A 1235 -29.47 -32.21 2.16
C GLY A 1235 -30.18 -33.39 2.80
N LEU A 1236 -29.52 -34.09 3.73
CA LEU A 1236 -30.09 -35.34 4.21
C LEU A 1236 -30.94 -35.20 5.47
N VAL A 1237 -30.94 -34.07 6.15
CA VAL A 1237 -31.71 -33.90 7.38
C VAL A 1237 -32.87 -32.94 7.20
N PHE A 1238 -32.59 -31.69 6.86
CA PHE A 1238 -33.62 -30.66 6.73
C PHE A 1238 -34.57 -30.94 5.57
N LEU A 1239 -34.00 -31.25 4.40
CA LEU A 1239 -34.78 -31.43 3.17
C LEU A 1239 -35.86 -32.53 3.25
N PRO A 1240 -35.60 -33.77 3.73
CA PRO A 1240 -36.71 -34.73 3.91
C PRO A 1240 -37.87 -34.23 4.76
N VAL A 1241 -37.57 -33.49 5.84
CA VAL A 1241 -38.61 -33.00 6.73
C VAL A 1241 -39.45 -31.91 6.05
N VAL A 1242 -38.79 -30.94 5.41
CA VAL A 1242 -39.53 -29.89 4.73
C VAL A 1242 -40.36 -30.48 3.57
N LEU A 1243 -39.82 -31.47 2.85
CA LEU A 1243 -40.61 -32.15 1.83
C LEU A 1243 -41.79 -32.89 2.44
N SER A 1244 -41.59 -33.51 3.62
CA SER A 1244 -42.67 -34.18 4.34
C SER A 1244 -43.81 -33.23 4.69
N TYR A 1245 -43.50 -31.97 4.99
CA TYR A 1245 -44.61 -31.07 5.28
C TYR A 1245 -45.18 -30.37 4.05
N LEU A 1246 -44.35 -29.70 3.25
CA LEU A 1246 -44.83 -28.81 2.20
C LEU A 1246 -44.59 -29.33 0.78
N GLY A 1247 -44.32 -30.61 0.59
CA GLY A 1247 -43.97 -31.11 -0.73
C GLY A 1247 -45.09 -31.12 -1.74
N PRO A 1248 -44.74 -31.43 -2.99
CA PRO A 1248 -45.74 -31.43 -4.08
C PRO A 1248 -46.75 -32.56 -3.96
N ASP A 1249 -47.88 -32.37 -4.63
CA ASP A 1249 -48.93 -33.37 -4.66
C ASP A 1249 -48.58 -34.50 -5.63
N VAL A 1250 -49.45 -35.50 -5.70
CA VAL A 1250 -49.23 -36.66 -6.55
C VAL A 1250 -49.62 -36.34 -8.00
N ASN A 1251 -48.76 -36.73 -8.94
CA ASN A 1251 -49.00 -36.54 -10.36
C ASN A 1251 -49.99 -37.61 -10.81
N GLN A 1252 -51.23 -37.19 -11.12
CA GLN A 1252 -52.30 -38.13 -11.46
C GLN A 1252 -52.04 -38.88 -12.76
N ALA A 1253 -51.36 -38.24 -13.72
CA ALA A 1253 -51.04 -38.89 -14.99
C ALA A 1253 -50.15 -40.11 -14.81
N LEU A 1254 -49.19 -40.02 -13.88
CA LEU A 1254 -48.32 -41.15 -13.58
C LEU A 1254 -49.11 -42.30 -12.94
N VAL A 1255 -50.08 -41.96 -12.09
CA VAL A 1255 -50.94 -42.96 -11.46
C VAL A 1255 -51.77 -43.69 -12.51
N GLN A 1256 -52.34 -42.94 -13.45
CA GLN A 1256 -53.15 -43.53 -14.52
C GLN A 1256 -52.29 -44.41 -15.43
N GLU A 1257 -51.09 -43.94 -15.79
CA GLU A 1257 -50.19 -44.73 -16.64
C GLU A 1257 -49.74 -46.00 -15.94
N GLU A 1258 -49.46 -45.92 -14.63
CA GLU A 1258 -49.09 -47.09 -13.85
C GLU A 1258 -50.22 -48.12 -13.81
N LYS A 1259 -51.46 -47.65 -13.58
CA LYS A 1259 -52.59 -48.57 -13.49
C LYS A 1259 -52.92 -49.22 -14.84
N LEU A 1260 -52.93 -48.44 -15.93
CA LEU A 1260 -53.28 -48.99 -17.24
C LEU A 1260 -52.24 -50.01 -17.73
N ALA A 1261 -50.96 -49.80 -17.41
CA ALA A 1261 -49.87 -50.66 -17.86
C ALA A 1261 -49.99 -52.11 -17.37
N SER A 1262 -50.78 -52.36 -16.32
CA SER A 1262 -51.05 -53.65 -15.63
C SER A 1262 -50.60 -54.99 -16.24
#